data_9HBK
#
_entry.id   9HBK
#
_cell.length_a   1.00
_cell.length_b   1.00
_cell.length_c   1.00
_cell.angle_alpha   90.00
_cell.angle_beta   90.00
_cell.angle_gamma   90.00
#
_symmetry.space_group_name_H-M   'P 1'
#
loop_
_entity.id
_entity.type
_entity.pdbx_description
1 polymer 'Virion membrane protein OPG143'
2 polymer 'Entry-fusion complex protein OPG094'
3 polymer 'Superinfection exclusion protein'
4 polymer 'Protein OPG185'
5 branched alpha-D-mannopyranose-(1-6)-beta-D-mannopyranose-(1-4)-2-acetamido-2-deoxy-beta-D-glucopyranose-(1-4)-2-acetamido-2-deoxy-beta-D-glucopyranose
6 branched beta-D-mannopyranose-(1-4)-2-acetamido-2-deoxy-beta-D-glucopyranose-(1-4)-[alpha-L-fucopyranose-(1-6)]2-acetamido-2-deoxy-beta-D-glucopyranose
7 branched 2-acetamido-2-deoxy-beta-D-glucopyranose-(1-4)-2-acetamido-2-deoxy-beta-D-glucopyranose
8 non-polymer 2-acetamido-2-deoxy-beta-D-glucopyranose
#
loop_
_entity_poly.entity_id
_entity_poly.type
_entity_poly.pdbx_seq_one_letter_code
_entity_poly.pdbx_strand_id
1 'polypeptide(L)'
;RSAAAVTLNRIKIAPGIADIRDKYMELGFNYPEYNRAVKFAEESYTYYYETSPGEIKPKFCLIDGMSIDHCSSFIVPEFA
KQYVLIHGEPCSSFKFRPGSLIYYQNEVTPEYIKDLKHATDYIASGQRCHFIKKDYLLGDSDSVAKCCSKTNTKHCPKIF
NNNYKTEHCDDFMTGFCRNDPGNPNCLEWLRAKRKPAMSTYSDICSKHMDARYCSEFIRIIRPDYFTFGDTALYVFCNDH
KGNRNCWCANYPKSNSGDKYLGPRVCWLHECTDESRDRKWLYYNQDVQRTRCKYVGGSGLVPRGSGGSGGSHHHHHHHHG
GSGTGGLNDIFEAQKIEWHE
;
A
2 'polypeptide(L)'
;AGGVSVELPKRDPPPGVPTDEMLLNVDKMHDVIAPAKLLEYVHIGPLAKDKEDKVKKRYPEFRLVNTGPGGLSALLRQSY
AGTAPNCCRTFQRTHYWKKDGKISDKYEEGAVLESCWPDVHDTGKCDVDLFDWCQGDTFDRNICHQWIGSAFNRADRTVE
GQQSLINLYNKMQTLCSKDASVPICESFLHHLRAHNTEDSKEMIDYILRQQSADFKQKYMRCSYPTRDKLEESLKYAEPR
ECWDPECSNANVNFLLTRNYNNLGLCNIVRGSGLVPRGSLEDDDDKAGWSHPQFEKGGGSGGGSGGGSWSHPQFEK
;
B
3 'polypeptide(L)'
;YRLQGFTNAGIVAYKNIQDDNIVFSPFGYSFSMFMSLLPASGNTRIELLKTMDLRKRDLGPAFTELISGLAKLKTSKYTY
TDLTYQSFVDNTVSIKPSYYQQYHRFGLYRLNFRRDAVNKINSIVERRSGMSNVVDSNMLDNNTLWAIINTIYFKGIWQY
PFDITKTRNASFTNKYGTKTVPMMNVVTKLQGNTITIDDEEYDMVRLPYKDANISMYLAIGDNMTHFTDSITAAKLDYWS
FQLGNKVYNLKLPKFSIENKRDIKSIAEMMAPSMFNPDNASFKHMTRDPLYIYKMFQNAKIDVDEQGTVAEASTIMVATA
RSSPEKLEFNTPFVFIIRHDITGFILFMGKVESPGSGLVPRGSGSAGWSHPQFEKGGGSGGGSGGGSWSHPQFEKGTGGL
NDIFEAQKIEWHE
;
C
4 'polypeptide(L)'
;RSTPFPQTSKKIGDDATLSCNRNNTNDYVVMSAWYKEPNSIILLAAKSDVLYFDNYTKDKISYDSPYDDLVTTITIKSLT
ARDAGTYVCAFFMTSTTNDTDKVDYEEYSTELIVNTDSEGSGLVPRGSGSGHHHHHHHH
;
D
#
# COMPACT_ATOMS: atom_id res chain seq x y z
N THR A 7 -38.17 -8.46 -32.62
CA THR A 7 -37.53 -8.90 -31.39
C THR A 7 -38.10 -8.15 -30.19
N LEU A 8 -37.41 -7.08 -29.78
CA LEU A 8 -37.85 -6.30 -28.64
C LEU A 8 -39.18 -5.63 -28.93
N ASN A 9 -40.21 -5.97 -28.14
CA ASN A 9 -41.55 -5.44 -28.33
C ASN A 9 -41.98 -4.46 -27.24
N ARG A 10 -41.59 -4.69 -26.00
CA ARG A 10 -41.92 -3.80 -24.89
C ARG A 10 -40.65 -3.06 -24.51
N ILE A 11 -40.59 -1.77 -24.80
CA ILE A 11 -39.38 -1.01 -24.56
C ILE A 11 -39.72 -0.06 -23.41
N LYS A 12 -40.63 -0.50 -22.55
CA LYS A 12 -41.07 0.32 -21.42
C LYS A 12 -39.89 0.71 -20.55
N ILE A 13 -39.96 1.92 -20.00
CA ILE A 13 -38.96 2.43 -19.06
C ILE A 13 -39.67 2.74 -17.75
N ALA A 14 -38.91 2.72 -16.66
CA ALA A 14 -39.46 2.96 -15.35
C ALA A 14 -38.49 3.81 -14.54
N PRO A 15 -38.83 5.08 -14.30
CA PRO A 15 -37.95 5.94 -13.51
C PRO A 15 -37.90 5.53 -12.05
N GLY A 16 -36.79 5.86 -11.41
CA GLY A 16 -36.61 5.54 -10.01
C GLY A 16 -37.11 6.63 -9.09
N ILE A 17 -38.10 6.30 -8.26
CA ILE A 17 -38.61 7.27 -7.30
C ILE A 17 -37.56 7.58 -6.24
N ALA A 18 -36.79 6.56 -5.83
CA ALA A 18 -35.72 6.78 -4.87
C ALA A 18 -34.62 7.65 -5.45
N ASP A 19 -34.13 7.28 -6.63
CA ASP A 19 -33.11 8.05 -7.34
C ASP A 19 -33.48 8.10 -8.81
N ILE A 20 -33.40 9.30 -9.40
CA ILE A 20 -33.72 9.47 -10.81
C ILE A 20 -32.73 8.69 -11.67
N ARG A 21 -31.52 8.47 -11.18
CA ARG A 21 -30.51 7.76 -11.95
C ARG A 21 -30.88 6.30 -12.16
N ASP A 22 -31.27 5.61 -11.09
CA ASP A 22 -31.60 4.20 -11.18
C ASP A 22 -32.94 4.02 -11.89
N LYS A 23 -32.96 3.18 -12.93
CA LYS A 23 -34.14 2.97 -13.74
C LYS A 23 -34.31 1.50 -14.07
N TYR A 24 -35.50 1.15 -14.54
CA TYR A 24 -35.82 -0.20 -14.96
C TYR A 24 -36.26 -0.20 -16.42
N MET A 25 -36.03 -1.32 -17.09
CA MET A 25 -36.56 -1.55 -18.44
C MET A 25 -37.32 -2.86 -18.42
N GLU A 26 -38.62 -2.80 -18.73
CA GLU A 26 -39.45 -4.01 -18.85
C GLU A 26 -39.36 -4.51 -20.29
N LEU A 27 -38.17 -5.00 -20.63
CA LEU A 27 -37.86 -5.38 -22.01
C LEU A 27 -38.58 -6.68 -22.33
N GLY A 28 -39.68 -6.58 -23.06
CA GLY A 28 -40.34 -7.75 -23.59
C GLY A 28 -39.89 -8.04 -25.01
N PHE A 29 -39.89 -9.33 -25.36
CA PHE A 29 -39.38 -9.73 -26.67
C PHE A 29 -40.40 -10.57 -27.40
N ASN A 30 -39.97 -11.20 -28.50
CA ASN A 30 -40.89 -12.01 -29.31
C ASN A 30 -41.42 -13.19 -28.52
N TYR A 31 -40.58 -13.81 -27.70
CA TYR A 31 -40.98 -15.03 -27.01
C TYR A 31 -41.27 -14.77 -25.54
N PRO A 32 -42.20 -15.53 -24.95
CA PRO A 32 -42.42 -15.43 -23.50
C PRO A 32 -41.22 -15.85 -22.67
N GLU A 33 -40.25 -16.56 -23.26
CA GLU A 33 -39.05 -16.91 -22.52
C GLU A 33 -38.17 -15.69 -22.28
N TYR A 34 -38.11 -14.79 -23.24
CA TYR A 34 -37.23 -13.63 -23.19
C TYR A 34 -38.04 -12.38 -22.83
N ASN A 35 -38.26 -12.17 -21.54
CA ASN A 35 -38.81 -10.90 -21.06
C ASN A 35 -38.16 -10.60 -19.72
N ARG A 36 -37.55 -9.42 -19.60
CA ARG A 36 -36.66 -9.18 -18.49
C ARG A 36 -36.89 -7.79 -17.92
N ALA A 37 -36.85 -7.70 -16.60
CA ALA A 37 -36.89 -6.41 -15.91
C ALA A 37 -35.45 -6.01 -15.61
N VAL A 38 -34.78 -5.42 -16.60
CA VAL A 38 -33.37 -5.09 -16.50
C VAL A 38 -33.20 -3.81 -15.69
N LYS A 39 -32.41 -3.88 -14.63
CA LYS A 39 -32.15 -2.72 -13.78
C LYS A 39 -30.92 -2.00 -14.34
N PHE A 40 -31.15 -0.87 -15.01
CA PHE A 40 -30.06 -0.10 -15.60
C PHE A 40 -30.10 1.30 -15.02
N ALA A 41 -28.92 1.86 -14.76
CA ALA A 41 -28.81 3.16 -14.10
C ALA A 41 -27.89 4.05 -14.89
N GLU A 42 -28.40 5.20 -15.33
CA GLU A 42 -27.61 6.19 -16.03
C GLU A 42 -27.03 7.20 -15.04
N GLU A 43 -26.26 8.14 -15.56
CA GLU A 43 -25.61 9.14 -14.74
C GLU A 43 -26.01 10.53 -15.18
N SER A 44 -26.50 11.33 -14.22
CA SER A 44 -26.72 12.74 -14.42
C SER A 44 -26.04 13.60 -13.36
N TYR A 45 -25.39 12.99 -12.38
CA TYR A 45 -24.72 13.71 -11.32
C TYR A 45 -23.31 14.13 -11.76
N THR A 46 -22.80 15.16 -11.10
CA THR A 46 -21.42 15.59 -11.24
C THR A 46 -20.71 15.31 -9.93
N TYR A 47 -19.67 14.48 -9.97
CA TYR A 47 -19.07 13.91 -8.77
C TYR A 47 -18.02 14.85 -8.23
N TYR A 48 -18.40 15.64 -7.22
CA TYR A 48 -17.45 16.40 -6.42
C TYR A 48 -17.07 15.68 -5.14
N TYR A 49 -17.54 14.45 -4.95
CA TYR A 49 -17.26 13.66 -3.76
C TYR A 49 -16.81 12.26 -4.13
N GLU A 50 -16.70 11.38 -3.13
CA GLU A 50 -16.19 10.03 -3.33
C GLU A 50 -17.30 9.00 -3.21
N THR A 51 -17.38 8.10 -4.18
CA THR A 51 -18.33 7.00 -4.10
C THR A 51 -17.96 6.05 -2.98
N SER A 52 -16.71 5.63 -2.93
CA SER A 52 -16.13 4.80 -1.89
C SER A 52 -14.82 5.43 -1.43
N PRO A 53 -14.39 5.17 -0.20
CA PRO A 53 -13.12 5.74 0.27
C PRO A 53 -11.97 5.47 -0.70
N GLY A 54 -11.45 6.54 -1.30
CA GLY A 54 -10.34 6.43 -2.22
C GLY A 54 -10.69 6.03 -3.63
N GLU A 55 -11.97 5.91 -3.96
CA GLU A 55 -12.38 5.48 -5.28
C GLU A 55 -13.63 6.24 -5.71
N ILE A 56 -13.76 6.42 -7.03
CA ILE A 56 -14.96 6.99 -7.63
C ILE A 56 -15.43 6.01 -8.71
N LYS A 57 -16.69 5.61 -8.64
CA LYS A 57 -17.28 4.65 -9.59
C LYS A 57 -18.55 5.24 -10.15
N PRO A 58 -18.46 6.07 -11.19
CA PRO A 58 -19.67 6.57 -11.83
C PRO A 58 -20.47 5.41 -12.44
N LYS A 59 -21.79 5.56 -12.42
CA LYS A 59 -22.64 4.54 -13.01
C LYS A 59 -22.48 4.47 -14.52
N PHE A 60 -21.81 5.46 -15.12
CA PHE A 60 -21.37 5.36 -16.49
C PHE A 60 -20.26 4.32 -16.61
N CYS A 61 -20.34 3.48 -17.64
CA CYS A 61 -19.30 2.50 -17.93
C CYS A 61 -19.04 2.47 -19.42
N LEU A 62 -17.78 2.72 -19.80
CA LEU A 62 -17.42 2.86 -21.20
C LEU A 62 -17.67 1.58 -21.98
N ILE A 63 -18.26 1.72 -23.16
CA ILE A 63 -18.31 0.63 -24.11
C ILE A 63 -16.94 0.45 -24.74
N ASP A 64 -16.56 -0.81 -24.97
CA ASP A 64 -15.31 -1.11 -25.66
C ASP A 64 -15.28 -0.42 -27.01
N GLY A 65 -14.32 0.48 -27.19
CA GLY A 65 -14.28 1.31 -28.37
C GLY A 65 -14.74 2.73 -28.16
N MET A 66 -14.56 3.28 -26.96
CA MET A 66 -14.97 4.63 -26.63
C MET A 66 -13.84 5.35 -25.89
N SER A 67 -13.79 6.66 -26.06
CA SER A 67 -12.76 7.46 -25.42
C SER A 67 -12.95 7.50 -23.91
N ILE A 68 -11.83 7.52 -23.19
CA ILE A 68 -11.85 7.59 -21.73
C ILE A 68 -12.38 8.92 -21.23
N ASP A 69 -12.53 9.91 -22.11
CA ASP A 69 -12.93 11.24 -21.68
C ASP A 69 -14.37 11.28 -21.17
N HIS A 70 -15.24 10.41 -21.71
CA HIS A 70 -16.67 10.55 -21.46
C HIS A 70 -17.00 10.41 -19.98
N CYS A 71 -16.36 9.48 -19.28
CA CYS A 71 -16.62 9.33 -17.86
C CYS A 71 -15.66 10.12 -16.99
N SER A 72 -14.73 10.88 -17.59
CA SER A 72 -13.95 11.84 -16.84
C SER A 72 -14.70 13.16 -16.66
N SER A 73 -15.81 13.35 -17.37
CA SER A 73 -16.59 14.58 -17.24
C SER A 73 -17.42 14.61 -15.97
N PHE A 74 -17.88 13.45 -15.50
CA PHE A 74 -18.73 13.38 -14.33
C PHE A 74 -18.04 13.82 -13.05
N ILE A 75 -16.75 14.17 -13.12
CA ILE A 75 -16.01 14.69 -11.99
C ILE A 75 -15.71 16.15 -12.26
N VAL A 76 -15.87 16.98 -11.24
CA VAL A 76 -15.51 18.41 -11.37
C VAL A 76 -14.04 18.50 -11.74
N PRO A 77 -13.64 19.36 -12.70
CA PRO A 77 -12.23 19.40 -13.09
C PRO A 77 -11.28 19.69 -11.94
N GLU A 78 -11.68 20.52 -10.98
CA GLU A 78 -10.83 20.75 -9.82
C GLU A 78 -10.66 19.48 -9.00
N PHE A 79 -11.75 18.73 -8.81
CA PHE A 79 -11.68 17.50 -8.02
C PHE A 79 -11.03 16.36 -8.80
N ALA A 80 -11.13 16.37 -10.12
CA ALA A 80 -10.60 15.29 -10.95
C ALA A 80 -9.14 15.48 -11.33
N LYS A 81 -8.40 16.31 -10.58
CA LYS A 81 -6.99 16.51 -10.86
C LYS A 81 -6.11 15.40 -10.28
N GLN A 82 -6.67 14.48 -9.52
CA GLN A 82 -5.89 13.47 -8.83
C GLN A 82 -6.34 12.05 -9.11
N TYR A 83 -7.40 11.84 -9.89
CA TYR A 83 -8.02 10.53 -10.03
C TYR A 83 -7.60 9.90 -11.35
N VAL A 84 -7.02 8.70 -11.27
CA VAL A 84 -6.57 7.96 -12.44
C VAL A 84 -7.56 6.84 -12.72
N LEU A 85 -7.89 6.66 -14.00
CA LEU A 85 -8.87 5.67 -14.42
C LEU A 85 -8.17 4.35 -14.73
N ILE A 86 -8.70 3.27 -14.15
CA ILE A 86 -8.14 1.94 -14.33
C ILE A 86 -9.25 0.99 -14.77
N HIS A 87 -8.89 -0.28 -14.98
CA HIS A 87 -9.86 -1.30 -15.33
C HIS A 87 -10.83 -1.54 -14.18
N GLY A 88 -12.10 -1.72 -14.52
CA GLY A 88 -13.09 -2.06 -13.53
C GLY A 88 -13.75 -3.38 -13.84
N GLU A 89 -14.77 -3.75 -13.05
CA GLU A 89 -15.51 -4.97 -13.34
C GLU A 89 -16.21 -4.82 -14.69
N PRO A 90 -16.28 -5.88 -15.49
CA PRO A 90 -16.91 -5.77 -16.80
C PRO A 90 -18.35 -5.27 -16.73
N CYS A 91 -18.67 -4.34 -17.61
CA CYS A 91 -19.97 -3.70 -17.71
C CYS A 91 -20.68 -4.15 -18.98
N SER A 92 -21.98 -4.38 -18.87
CA SER A 92 -22.85 -4.59 -20.02
C SER A 92 -23.74 -3.37 -20.18
N SER A 93 -23.85 -2.88 -21.41
CA SER A 93 -24.52 -1.61 -21.67
C SER A 93 -25.55 -1.77 -22.77
N PHE A 94 -26.33 -0.71 -22.97
CA PHE A 94 -27.28 -0.62 -24.06
C PHE A 94 -26.67 0.28 -25.14
N LYS A 95 -26.54 -0.26 -26.35
CA LYS A 95 -25.91 0.50 -27.42
C LYS A 95 -26.74 1.72 -27.80
N PHE A 96 -28.07 1.57 -27.82
CA PHE A 96 -28.93 2.69 -28.22
C PHE A 96 -28.79 3.87 -27.28
N ARG A 97 -28.47 3.61 -26.00
CA ARG A 97 -28.28 4.66 -25.01
C ARG A 97 -26.94 4.37 -24.34
N PRO A 98 -25.85 4.84 -24.94
CA PRO A 98 -24.52 4.53 -24.41
C PRO A 98 -24.30 5.14 -23.04
N GLY A 99 -23.39 4.54 -22.28
CA GLY A 99 -23.20 4.87 -20.89
C GLY A 99 -24.08 4.09 -19.94
N SER A 100 -24.92 3.20 -20.45
CA SER A 100 -25.77 2.38 -19.60
C SER A 100 -24.95 1.34 -18.85
N LEU A 101 -25.42 1.01 -17.65
CA LEU A 101 -24.78 0.01 -16.80
C LEU A 101 -25.87 -0.99 -16.39
N ILE A 102 -25.84 -2.17 -16.99
CA ILE A 102 -26.86 -3.19 -16.77
C ILE A 102 -26.47 -3.98 -15.52
N TYR A 103 -27.18 -3.74 -14.43
CA TYR A 103 -26.97 -4.52 -13.22
C TYR A 103 -27.49 -5.94 -13.42
N TYR A 104 -26.70 -6.91 -13.01
CA TYR A 104 -27.07 -8.33 -13.12
C TYR A 104 -27.87 -8.71 -11.88
N GLN A 105 -29.13 -9.11 -12.09
CA GLN A 105 -29.98 -9.45 -10.96
C GLN A 105 -31.04 -10.44 -11.43
N ASN A 106 -31.47 -11.30 -10.49
CA ASN A 106 -32.62 -12.20 -10.66
C ASN A 106 -32.50 -12.99 -11.96
N GLU A 107 -33.54 -13.08 -12.79
CA GLU A 107 -33.51 -13.93 -13.96
C GLU A 107 -32.45 -13.49 -14.96
N VAL A 108 -32.22 -12.18 -15.10
CA VAL A 108 -31.19 -11.71 -16.00
C VAL A 108 -29.83 -12.05 -15.41
N THR A 109 -28.96 -12.63 -16.23
CA THR A 109 -27.66 -13.09 -15.81
C THR A 109 -26.69 -12.83 -16.94
N PRO A 110 -25.38 -12.80 -16.67
CA PRO A 110 -24.40 -12.63 -17.75
C PRO A 110 -24.51 -13.70 -18.82
N GLU A 111 -24.98 -14.91 -18.49
CA GLU A 111 -25.28 -15.89 -19.53
C GLU A 111 -26.39 -15.36 -20.45
N TYR A 112 -27.48 -14.86 -19.86
CA TYR A 112 -28.55 -14.29 -20.66
C TYR A 112 -28.10 -13.03 -21.38
N ILE A 113 -27.24 -12.23 -20.74
CA ILE A 113 -26.71 -11.04 -21.38
C ILE A 113 -25.92 -11.41 -22.62
N LYS A 114 -25.07 -12.44 -22.51
CA LYS A 114 -24.29 -12.89 -23.66
C LYS A 114 -25.20 -13.46 -24.75
N ASP A 115 -26.25 -14.17 -24.36
CA ASP A 115 -27.19 -14.69 -25.35
C ASP A 115 -27.88 -13.55 -26.10
N LEU A 116 -28.31 -12.51 -25.38
CA LEU A 116 -28.94 -11.37 -26.02
C LEU A 116 -27.95 -10.63 -26.92
N LYS A 117 -26.71 -10.50 -26.48
CA LYS A 117 -25.69 -9.87 -27.31
C LYS A 117 -25.46 -10.66 -28.59
N HIS A 118 -25.45 -11.98 -28.50
CA HIS A 118 -25.30 -12.81 -29.69
C HIS A 118 -26.50 -12.67 -30.61
N ALA A 119 -27.70 -12.55 -30.03
CA ALA A 119 -28.92 -12.45 -30.84
C ALA A 119 -29.00 -11.11 -31.56
N THR A 120 -28.79 -10.00 -30.83
CA THR A 120 -28.97 -8.67 -31.38
C THR A 120 -27.92 -7.74 -30.79
N ASP A 121 -27.92 -6.48 -31.25
CA ASP A 121 -26.91 -5.50 -30.89
C ASP A 121 -27.41 -4.50 -29.85
N TYR A 122 -28.31 -4.94 -28.96
CA TYR A 122 -28.80 -4.06 -27.90
C TYR A 122 -27.85 -3.94 -26.72
N ILE A 123 -26.82 -4.78 -26.64
CA ILE A 123 -25.93 -4.84 -25.49
C ILE A 123 -24.50 -4.73 -25.98
N ALA A 124 -23.73 -3.86 -25.33
CA ALA A 124 -22.34 -3.63 -25.67
C ALA A 124 -21.45 -3.91 -24.47
N SER A 125 -20.30 -4.52 -24.71
CA SER A 125 -19.37 -4.81 -23.62
C SER A 125 -18.63 -3.55 -23.19
N GLY A 126 -18.03 -3.64 -22.02
CA GLY A 126 -17.16 -2.58 -21.56
C GLY A 126 -16.67 -2.89 -20.16
N GLN A 127 -16.15 -1.87 -19.49
CA GLN A 127 -15.74 -2.01 -18.11
C GLN A 127 -16.14 -0.77 -17.32
N ARG A 128 -16.38 -0.97 -16.03
CA ARG A 128 -16.81 0.11 -15.15
C ARG A 128 -15.69 1.12 -14.96
N CYS A 129 -16.04 2.41 -15.00
CA CYS A 129 -15.06 3.45 -14.80
C CYS A 129 -14.62 3.47 -13.34
N HIS A 130 -13.41 3.01 -13.07
CA HIS A 130 -12.85 2.96 -11.73
C HIS A 130 -11.73 3.99 -11.62
N PHE A 131 -11.98 5.05 -10.86
CA PHE A 131 -11.00 6.09 -10.62
C PHE A 131 -10.44 5.93 -9.21
N ILE A 132 -9.12 5.83 -9.11
CA ILE A 132 -8.44 5.78 -7.81
C ILE A 132 -7.67 7.07 -7.61
N LYS A 133 -7.68 7.57 -6.39
CA LYS A 133 -7.02 8.82 -6.04
C LYS A 133 -5.56 8.55 -5.75
N LYS A 134 -4.68 8.89 -6.68
CA LYS A 134 -3.27 9.06 -6.40
C LYS A 134 -3.02 10.56 -6.19
N ASP A 135 -1.75 10.91 -5.98
CA ASP A 135 -1.42 12.32 -5.85
C ASP A 135 -1.59 13.02 -7.20
N TYR A 136 -1.35 14.33 -7.21
CA TYR A 136 -1.40 15.08 -8.45
C TYR A 136 -0.40 14.50 -9.46
N LEU A 137 -0.66 14.76 -10.73
CA LEU A 137 0.17 14.23 -11.80
C LEU A 137 0.95 15.36 -12.46
N LEU A 138 2.27 15.17 -12.57
CA LEU A 138 3.19 16.18 -13.08
C LEU A 138 3.78 15.64 -14.39
N GLY A 139 3.25 16.09 -15.51
CA GLY A 139 3.62 15.50 -16.78
C GLY A 139 4.16 16.47 -17.82
N ASP A 140 4.49 17.68 -17.40
CA ASP A 140 5.06 18.69 -18.30
C ASP A 140 6.41 19.13 -17.75
N SER A 141 7.39 19.28 -18.65
CA SER A 141 8.75 19.55 -18.23
C SER A 141 8.90 20.92 -17.56
N ASP A 142 8.03 21.88 -17.89
CA ASP A 142 8.12 23.18 -17.22
C ASP A 142 7.58 23.10 -15.79
N SER A 143 6.53 22.30 -15.58
CA SER A 143 5.89 22.27 -14.26
C SER A 143 6.75 21.56 -13.22
N VAL A 144 7.47 20.51 -13.62
CA VAL A 144 8.37 19.85 -12.68
C VAL A 144 9.50 20.78 -12.27
N ALA A 145 9.96 21.62 -13.20
CA ALA A 145 10.91 22.66 -12.86
C ALA A 145 10.27 23.74 -12.00
N LYS A 146 8.97 23.96 -12.18
CA LYS A 146 8.29 25.05 -11.48
C LYS A 146 8.05 24.71 -10.01
N CYS A 147 7.30 23.64 -9.74
CA CYS A 147 6.83 23.42 -8.38
C CYS A 147 7.88 22.80 -7.47
N CYS A 148 8.94 22.21 -8.02
CA CYS A 148 10.05 21.82 -7.17
C CYS A 148 10.83 23.05 -6.71
N SER A 149 10.82 24.12 -7.50
CA SER A 149 11.44 25.38 -7.12
C SER A 149 10.50 26.26 -6.30
N LYS A 150 9.28 25.79 -6.03
CA LYS A 150 8.35 26.44 -5.10
C LYS A 150 7.86 27.81 -5.60
N THR A 151 7.87 28.03 -6.92
CA THR A 151 7.24 29.24 -7.44
C THR A 151 5.72 29.11 -7.46
N ASN A 152 5.20 27.91 -7.67
CA ASN A 152 3.76 27.67 -7.68
C ASN A 152 3.55 26.34 -6.97
N THR A 153 3.24 26.42 -5.67
CA THR A 153 3.13 25.25 -4.81
C THR A 153 1.72 24.66 -4.92
N LYS A 154 1.36 24.27 -6.13
CA LYS A 154 0.01 23.79 -6.41
C LYS A 154 0.02 22.79 -7.56
N HIS A 155 -0.92 21.86 -7.51
CA HIS A 155 -1.20 20.94 -8.61
C HIS A 155 0.02 20.13 -9.03
N CYS A 156 0.83 19.71 -8.06
CA CYS A 156 1.90 18.77 -8.38
C CYS A 156 2.05 17.79 -7.21
N PRO A 157 2.51 16.57 -7.48
CA PRO A 157 2.52 15.54 -6.43
C PRO A 157 3.45 15.90 -5.28
N LYS A 158 3.12 15.33 -4.11
CA LYS A 158 3.96 15.52 -2.93
C LYS A 158 5.33 14.85 -3.10
N ILE A 159 5.46 13.90 -4.04
CA ILE A 159 6.76 13.32 -4.31
C ILE A 159 7.70 14.35 -4.87
N PHE A 160 7.19 15.39 -5.54
CA PHE A 160 8.00 16.54 -5.92
C PHE A 160 7.81 17.70 -4.97
N ASN A 161 6.95 17.58 -3.96
CA ASN A 161 6.61 18.71 -3.09
C ASN A 161 6.61 18.27 -1.62
N ASN A 162 7.68 17.60 -1.18
CA ASN A 162 7.80 17.12 0.18
C ASN A 162 8.90 17.84 0.94
N ASN A 163 9.17 19.10 0.59
CA ASN A 163 10.34 19.83 1.09
C ASN A 163 11.62 19.06 0.81
N TYR A 164 11.68 18.47 -0.39
CA TYR A 164 12.84 17.73 -0.86
C TYR A 164 13.20 16.58 0.08
N LYS A 165 12.18 15.85 0.54
CA LYS A 165 12.43 14.67 1.35
C LYS A 165 12.81 13.46 0.52
N THR A 166 12.60 13.50 -0.79
CA THR A 166 12.95 12.42 -1.69
C THR A 166 13.95 12.91 -2.73
N GLU A 167 14.24 12.05 -3.70
CA GLU A 167 15.24 12.31 -4.73
C GLU A 167 14.62 12.63 -6.08
N HIS A 168 13.35 13.05 -6.11
CA HIS A 168 12.62 13.14 -7.38
C HIS A 168 12.91 14.41 -8.17
N CYS A 169 13.46 15.45 -7.55
CA CYS A 169 13.75 16.68 -8.29
C CYS A 169 15.12 17.23 -7.86
N ASP A 170 16.11 16.34 -7.77
CA ASP A 170 17.49 16.73 -7.54
C ASP A 170 18.24 17.05 -8.82
N ASP A 171 17.97 16.31 -9.90
CA ASP A 171 18.73 16.47 -11.13
C ASP A 171 18.53 17.86 -11.74
N PHE A 172 17.26 18.27 -11.90
CA PHE A 172 17.01 19.60 -12.44
C PHE A 172 17.52 20.69 -11.52
N MET A 173 17.31 20.53 -10.21
CA MET A 173 17.68 21.61 -9.33
C MET A 173 19.18 21.70 -9.08
N THR A 174 19.95 20.69 -9.47
CA THR A 174 21.39 20.88 -9.53
C THR A 174 21.74 22.03 -10.46
N GLY A 175 21.25 21.99 -11.71
CA GLY A 175 21.45 23.09 -12.62
C GLY A 175 20.74 24.36 -12.21
N PHE A 176 19.55 24.22 -11.60
CA PHE A 176 18.82 25.40 -11.14
C PHE A 176 19.62 26.16 -10.09
N CYS A 177 20.23 25.46 -9.14
CA CYS A 177 21.04 26.11 -8.13
C CYS A 177 22.38 26.57 -8.70
N ARG A 178 22.89 25.89 -9.73
CA ARG A 178 24.04 26.41 -10.44
C ARG A 178 23.72 27.77 -11.06
N ASN A 179 22.50 27.94 -11.58
CA ASN A 179 22.11 29.23 -12.15
C ASN A 179 22.05 30.31 -11.09
N ASP A 180 21.44 30.03 -9.94
CA ASP A 180 21.28 31.04 -8.91
C ASP A 180 21.17 30.40 -7.52
N PRO A 181 22.24 30.41 -6.73
CA PRO A 181 22.19 29.87 -5.37
C PRO A 181 21.40 30.71 -4.38
N GLY A 182 20.85 31.84 -4.79
CA GLY A 182 20.20 32.74 -3.84
C GLY A 182 18.82 32.34 -3.41
N ASN A 183 18.26 31.30 -4.00
CA ASN A 183 16.90 30.87 -3.64
C ASN A 183 16.93 30.15 -2.30
N PRO A 184 16.12 30.59 -1.33
CA PRO A 184 16.04 29.83 -0.06
C PRO A 184 15.59 28.40 -0.25
N ASN A 185 14.75 28.13 -1.25
CA ASN A 185 14.37 26.75 -1.53
C ASN A 185 15.57 25.91 -1.93
N CYS A 186 16.58 26.53 -2.54
CA CYS A 186 17.81 25.80 -2.85
C CYS A 186 18.52 25.35 -1.58
N LEU A 187 18.56 26.21 -0.57
CA LEU A 187 19.14 25.82 0.72
C LEU A 187 18.29 24.75 1.39
N GLU A 188 16.97 24.86 1.28
CA GLU A 188 16.10 23.83 1.84
C GLU A 188 16.37 22.48 1.18
N TRP A 189 16.56 22.46 -0.14
CA TRP A 189 16.94 21.24 -0.84
C TRP A 189 18.30 20.73 -0.37
N LEU A 190 19.27 21.63 -0.22
CA LEU A 190 20.59 21.23 0.25
C LEU A 190 20.51 20.58 1.63
N ARG A 191 19.54 21.01 2.44
CA ARG A 191 19.38 20.41 3.77
C ARG A 191 19.01 18.93 3.69
N ALA A 192 18.57 18.45 2.51
CA ALA A 192 18.19 17.06 2.36
C ALA A 192 19.37 16.09 2.41
N LYS A 193 20.60 16.60 2.35
CA LYS A 193 21.81 15.78 2.46
C LYS A 193 21.86 14.70 1.37
N ARG A 194 21.96 15.16 0.12
CA ARG A 194 22.05 14.27 -1.02
C ARG A 194 23.31 14.57 -1.81
N LYS A 195 23.88 13.52 -2.40
CA LYS A 195 25.14 13.65 -3.12
C LYS A 195 25.09 14.64 -4.30
N PRO A 196 24.07 14.63 -5.17
CA PRO A 196 24.04 15.66 -6.22
C PRO A 196 24.05 17.08 -5.67
N ALA A 197 23.30 17.33 -4.59
CA ALA A 197 23.36 18.63 -3.94
C ALA A 197 24.75 18.90 -3.39
N MET A 198 25.37 17.88 -2.79
CA MET A 198 26.74 18.02 -2.29
C MET A 198 27.66 18.52 -3.39
N SER A 199 27.66 17.84 -4.52
CA SER A 199 28.60 18.16 -5.59
C SER A 199 28.29 19.50 -6.22
N THR A 200 27.01 19.79 -6.49
CA THR A 200 26.69 21.07 -7.12
C THR A 200 27.02 22.24 -6.22
N TYR A 201 26.78 22.12 -4.92
CA TYR A 201 27.13 23.21 -4.02
C TYR A 201 28.63 23.31 -3.81
N SER A 202 29.34 22.18 -3.84
CA SER A 202 30.80 22.25 -3.79
C SER A 202 31.36 22.98 -4.99
N ASP A 203 30.85 22.67 -6.19
CA ASP A 203 31.31 23.37 -7.38
C ASP A 203 30.96 24.85 -7.33
N ILE A 204 29.75 25.18 -6.89
CA ILE A 204 29.34 26.59 -6.80
C ILE A 204 30.24 27.35 -5.83
N CYS A 205 30.50 26.75 -4.67
CA CYS A 205 31.36 27.39 -3.68
C CYS A 205 32.78 27.55 -4.20
N SER A 206 33.28 26.54 -4.91
CA SER A 206 34.61 26.64 -5.50
C SER A 206 34.68 27.78 -6.50
N LYS A 207 33.65 27.93 -7.34
CA LYS A 207 33.63 29.04 -8.28
C LYS A 207 33.37 30.37 -7.56
N HIS A 208 32.47 30.38 -6.59
CA HIS A 208 32.09 31.61 -5.88
C HIS A 208 31.88 31.28 -4.40
N MET A 209 32.91 31.47 -3.59
CA MET A 209 32.80 31.37 -2.15
C MET A 209 32.49 32.70 -1.47
N ASP A 210 32.56 33.81 -2.20
CA ASP A 210 32.38 35.12 -1.56
C ASP A 210 30.96 35.33 -1.08
N ALA A 211 29.98 34.70 -1.73
CA ALA A 211 28.59 34.87 -1.34
C ALA A 211 28.32 34.14 -0.02
N ARG A 212 27.27 34.60 0.67
CA ARG A 212 26.86 33.98 1.92
C ARG A 212 26.12 32.67 1.73
N TYR A 213 25.80 32.29 0.48
CA TYR A 213 25.16 31.02 0.22
C TYR A 213 26.05 29.85 0.64
N CYS A 214 27.36 30.05 0.66
CA CYS A 214 28.31 29.00 1.05
C CYS A 214 28.45 28.85 2.55
N SER A 215 28.23 29.93 3.31
CA SER A 215 28.35 29.83 4.76
C SER A 215 27.34 28.85 5.34
N GLU A 216 26.07 29.01 4.96
CA GLU A 216 25.04 28.09 5.43
C GLU A 216 25.27 26.68 4.90
N PHE A 217 25.77 26.56 3.67
CA PHE A 217 26.07 25.25 3.10
C PHE A 217 27.12 24.52 3.95
N ILE A 218 28.24 25.18 4.21
CA ILE A 218 29.30 24.55 5.01
C ILE A 218 28.82 24.31 6.44
N ARG A 219 27.96 25.19 6.98
CA ARG A 219 27.36 24.93 8.27
C ARG A 219 26.55 23.64 8.25
N ILE A 220 25.80 23.41 7.17
CA ILE A 220 24.92 22.24 7.09
C ILE A 220 25.73 20.97 6.95
N ILE A 221 26.74 20.98 6.06
CA ILE A 221 27.39 19.74 5.66
C ILE A 221 28.56 19.32 6.56
N ARG A 222 29.21 20.27 7.23
CA ARG A 222 30.47 19.96 7.92
C ARG A 222 30.37 18.81 8.92
N PRO A 223 29.40 18.75 9.84
CA PRO A 223 29.38 17.63 10.79
C PRO A 223 29.27 16.26 10.12
N ASP A 224 28.67 16.18 8.94
CA ASP A 224 28.45 14.91 8.26
C ASP A 224 29.49 14.62 7.19
N TYR A 225 29.64 15.50 6.21
CA TYR A 225 30.58 15.31 5.11
C TYR A 225 31.61 16.42 5.12
N PHE A 226 32.88 16.04 5.17
CA PHE A 226 34.00 16.98 5.10
C PHE A 226 34.50 17.20 3.68
N THR A 227 34.38 16.18 2.83
CA THR A 227 35.16 16.14 1.60
C THR A 227 34.73 17.24 0.62
N PHE A 228 33.43 17.45 0.47
CA PHE A 228 32.96 18.45 -0.49
C PHE A 228 33.40 19.85 -0.09
N GLY A 229 33.24 20.19 1.18
CA GLY A 229 33.68 21.49 1.66
C GLY A 229 35.18 21.68 1.55
N ASP A 230 35.95 20.64 1.89
CA ASP A 230 37.40 20.75 1.79
C ASP A 230 37.84 20.90 0.34
N THR A 231 37.22 20.16 -0.58
CA THR A 231 37.57 20.27 -1.99
C THR A 231 37.23 21.67 -2.53
N ALA A 232 36.06 22.19 -2.17
CA ALA A 232 35.70 23.53 -2.62
C ALA A 232 36.67 24.56 -2.06
N LEU A 233 37.03 24.44 -0.79
CA LEU A 233 37.97 25.38 -0.18
C LEU A 233 39.33 25.31 -0.85
N TYR A 234 39.79 24.09 -1.17
CA TYR A 234 41.09 23.94 -1.83
C TYR A 234 41.07 24.55 -3.22
N VAL A 235 39.99 24.33 -3.98
CA VAL A 235 39.95 24.81 -5.35
C VAL A 235 39.81 26.33 -5.39
N PHE A 236 38.94 26.89 -4.53
CA PHE A 236 38.69 28.32 -4.57
C PHE A 236 39.94 29.13 -4.24
N CYS A 237 40.67 28.71 -3.21
CA CYS A 237 41.88 29.44 -2.82
C CYS A 237 42.95 29.42 -3.90
N ASN A 238 42.99 28.35 -4.72
CA ASN A 238 44.00 28.27 -5.77
C ASN A 238 43.83 29.39 -6.79
N ASP A 239 42.60 29.67 -7.20
CA ASP A 239 42.36 30.73 -8.18
C ASP A 239 42.58 32.11 -7.56
N HIS A 240 42.09 32.32 -6.34
CA HIS A 240 42.24 33.59 -5.64
C HIS A 240 43.18 33.35 -4.46
N LYS A 241 44.49 33.44 -4.73
CA LYS A 241 45.48 33.17 -3.70
C LYS A 241 45.67 34.36 -2.78
N GLY A 242 45.63 35.57 -3.31
CA GLY A 242 45.87 36.75 -2.51
C GLY A 242 44.68 37.27 -1.75
N ASN A 243 43.62 36.48 -1.64
CA ASN A 243 42.42 36.91 -0.94
C ASN A 243 42.72 37.22 0.51
N ARG A 244 42.10 38.27 1.03
CA ARG A 244 42.39 38.73 2.39
C ARG A 244 41.89 37.75 3.45
N ASN A 245 40.98 36.84 3.11
CA ASN A 245 40.48 35.85 4.05
C ASN A 245 40.88 34.42 3.72
N CYS A 246 41.24 34.14 2.46
CA CYS A 246 41.58 32.78 2.08
C CYS A 246 42.94 32.36 2.62
N TRP A 247 43.85 33.32 2.84
CA TRP A 247 45.24 32.99 3.09
C TRP A 247 45.48 32.33 4.45
N CYS A 248 44.50 32.32 5.35
CA CYS A 248 44.64 31.51 6.56
C CYS A 248 44.52 30.03 6.22
N ALA A 249 45.41 29.23 6.82
CA ALA A 249 45.31 27.76 6.87
C ALA A 249 44.83 27.14 5.57
N ASN A 250 45.34 27.63 4.44
CA ASN A 250 44.90 27.15 3.13
C ASN A 250 46.12 27.11 2.21
N TYR A 251 45.84 27.02 0.91
CA TYR A 251 46.92 27.00 -0.08
C TYR A 251 47.85 28.20 0.03
N PRO A 252 47.37 29.45 0.08
CA PRO A 252 48.31 30.60 0.10
C PRO A 252 48.75 31.11 1.47
N LYS A 253 49.70 30.42 2.10
CA LYS A 253 50.35 30.94 3.29
C LYS A 253 51.61 31.69 2.88
N SER A 254 52.29 32.27 3.86
CA SER A 254 53.44 33.14 3.58
C SER A 254 54.58 32.36 2.93
N ASN A 255 54.88 31.17 3.46
CA ASN A 255 56.04 30.41 3.01
C ASN A 255 55.70 29.59 1.77
N SER A 256 56.65 28.78 1.30
CA SER A 256 56.46 27.97 0.13
C SER A 256 55.48 26.82 0.42
N GLY A 257 54.84 26.35 -0.65
CA GLY A 257 53.84 25.31 -0.48
C GLY A 257 52.63 25.83 0.27
N ASP A 258 52.02 24.94 1.06
CA ASP A 258 50.86 25.27 1.89
C ASP A 258 51.01 24.53 3.21
N LYS A 259 51.60 25.19 4.19
CA LYS A 259 51.86 24.59 5.49
C LYS A 259 50.72 24.94 6.45
N TYR A 260 50.89 24.60 7.74
CA TYR A 260 49.93 24.90 8.78
C TYR A 260 48.57 24.27 8.49
N LEU A 261 48.57 22.96 8.26
CA LEU A 261 47.37 22.17 8.05
C LEU A 261 47.29 21.13 9.16
N GLY A 262 46.72 21.53 10.30
CA GLY A 262 46.59 20.64 11.43
C GLY A 262 46.84 21.34 12.75
N PRO A 263 47.59 20.68 13.64
CA PRO A 263 47.82 21.25 14.97
C PRO A 263 48.53 22.58 14.95
N ARG A 264 49.24 22.90 13.87
CA ARG A 264 49.88 24.21 13.75
C ARG A 264 48.88 25.35 13.76
N VAL A 265 47.61 25.07 13.42
CA VAL A 265 46.59 26.10 13.47
C VAL A 265 46.13 26.35 14.90
N CYS A 266 46.46 25.45 15.83
CA CYS A 266 46.01 25.61 17.21
C CYS A 266 46.60 26.86 17.86
N TRP A 267 47.88 27.13 17.61
CA TRP A 267 48.51 28.31 18.21
C TRP A 267 48.25 29.60 17.45
N LEU A 268 47.65 29.52 16.26
CA LEU A 268 47.42 30.71 15.46
C LEU A 268 46.48 31.66 16.19
N HIS A 269 46.84 32.95 16.19
CA HIS A 269 46.06 33.98 16.85
C HIS A 269 45.60 35.07 15.91
N GLU A 270 46.44 35.48 14.95
CA GLU A 270 46.07 36.55 14.03
C GLU A 270 44.81 36.20 13.25
N CYS A 271 44.57 34.93 13.01
CA CYS A 271 43.36 34.49 12.34
C CYS A 271 43.07 33.06 12.81
N THR A 272 41.79 32.67 12.72
CA THR A 272 41.27 31.41 13.25
C THR A 272 41.25 31.42 14.79
N ASP A 273 40.98 32.58 15.39
CA ASP A 273 40.70 32.66 16.82
C ASP A 273 39.28 33.15 17.07
N GLU A 274 38.91 34.31 16.54
CA GLU A 274 37.51 34.74 16.48
C GLU A 274 37.05 34.44 15.06
N SER A 275 36.56 33.21 14.86
CA SER A 275 36.31 32.68 13.52
C SER A 275 35.21 33.51 12.87
N ARG A 276 35.61 34.37 11.93
CA ARG A 276 34.62 35.17 11.20
C ARG A 276 33.74 34.27 10.34
N ASP A 277 34.35 33.30 9.68
CA ASP A 277 33.61 32.36 8.85
C ASP A 277 34.40 31.06 8.81
N ARG A 278 33.85 30.01 9.40
CA ARG A 278 34.49 28.70 9.40
C ARG A 278 34.52 28.05 8.02
N LYS A 279 34.01 28.74 7.00
CA LYS A 279 33.99 28.21 5.65
C LYS A 279 35.34 28.32 4.95
N TRP A 280 36.31 29.01 5.55
CA TRP A 280 37.66 29.10 5.01
C TRP A 280 38.60 28.05 5.57
N LEU A 281 38.10 27.15 6.41
CA LEU A 281 38.94 26.18 7.11
C LEU A 281 38.41 24.78 6.90
N TYR A 282 39.31 23.80 6.97
CA TYR A 282 38.93 22.40 6.89
C TYR A 282 38.44 21.94 8.27
N TYR A 283 38.23 20.64 8.43
CA TYR A 283 37.75 20.13 9.71
C TYR A 283 38.81 20.27 10.79
N ASN A 284 40.06 19.94 10.47
CA ASN A 284 41.12 19.98 11.47
C ASN A 284 41.31 21.37 12.05
N GLN A 285 41.05 22.41 11.26
CA GLN A 285 41.32 23.78 11.69
C GLN A 285 40.27 24.33 12.63
N ASP A 286 39.16 23.63 12.85
CA ASP A 286 38.10 24.13 13.71
C ASP A 286 37.82 23.25 14.92
N VAL A 287 37.56 21.96 14.71
CA VAL A 287 37.15 21.09 15.82
C VAL A 287 38.31 20.91 16.81
N GLN A 288 39.50 20.60 16.30
CA GLN A 288 40.67 20.52 17.16
C GLN A 288 41.04 21.90 17.69
N ARG A 289 40.70 22.95 16.96
CA ARG A 289 41.01 24.31 17.40
C ARG A 289 40.30 24.66 18.70
N THR A 290 39.03 24.25 18.84
CA THR A 290 38.24 24.65 19.99
C THR A 290 38.87 24.16 21.29
N ARG A 291 39.35 22.91 21.31
CA ARG A 291 40.02 22.38 22.48
C ARG A 291 41.43 22.93 22.66
N CYS A 292 41.97 23.61 21.65
CA CYS A 292 43.29 24.23 21.76
C CYS A 292 43.17 25.64 22.35
N GLU B 7 -38.91 3.32 -30.62
CA GLU B 7 -38.87 2.03 -29.97
C GLU B 7 -37.59 1.85 -29.15
N LEU B 8 -36.81 2.91 -29.06
CA LEU B 8 -35.56 2.92 -28.28
C LEU B 8 -35.44 4.27 -27.59
N PRO B 9 -35.35 4.34 -26.27
CA PRO B 9 -35.06 5.61 -25.62
C PRO B 9 -33.58 5.94 -25.73
N LYS B 10 -33.23 6.88 -26.60
CA LYS B 10 -31.84 7.20 -26.85
C LYS B 10 -31.38 8.30 -25.92
N ARG B 11 -30.09 8.30 -25.62
CA ARG B 11 -29.49 9.32 -24.76
C ARG B 11 -28.03 9.45 -25.11
N ASP B 12 -27.66 10.58 -25.71
CA ASP B 12 -26.26 10.83 -26.01
C ASP B 12 -25.48 11.03 -24.71
N PRO B 13 -24.29 10.46 -24.60
CA PRO B 13 -23.51 10.67 -23.38
C PRO B 13 -23.10 12.12 -23.25
N PRO B 14 -22.92 12.61 -22.03
CA PRO B 14 -22.51 13.99 -21.85
C PRO B 14 -21.14 14.22 -22.43
N PRO B 15 -20.85 15.43 -22.90
CA PRO B 15 -19.52 15.72 -23.44
C PRO B 15 -18.45 15.52 -22.38
N GLY B 16 -17.31 14.98 -22.81
CA GLY B 16 -16.23 14.62 -21.90
C GLY B 16 -15.29 15.78 -21.65
N VAL B 17 -15.01 16.04 -20.38
CA VAL B 17 -14.06 17.07 -19.97
C VAL B 17 -12.75 16.38 -19.62
N PRO B 18 -11.67 16.59 -20.39
CA PRO B 18 -10.43 15.86 -20.13
C PRO B 18 -9.61 16.53 -19.05
N THR B 19 -9.14 15.73 -18.11
CA THR B 19 -8.35 16.22 -16.99
C THR B 19 -6.87 16.09 -17.31
N ASP B 20 -6.01 16.42 -16.34
CA ASP B 20 -4.58 16.28 -16.54
C ASP B 20 -4.16 14.82 -16.67
N GLU B 21 -4.96 13.90 -16.11
CA GLU B 21 -4.59 12.50 -16.11
C GLU B 21 -4.59 11.89 -17.50
N MET B 22 -5.17 12.56 -18.49
CA MET B 22 -5.24 12.05 -19.84
C MET B 22 -4.58 12.93 -20.88
N LEU B 23 -4.28 14.19 -20.56
CA LEU B 23 -3.66 15.11 -21.52
C LEU B 23 -2.14 15.10 -21.33
N LEU B 24 -1.56 13.93 -21.59
CA LEU B 24 -0.12 13.73 -21.47
C LEU B 24 0.39 12.87 -22.61
N ASN B 25 1.70 12.97 -22.84
CA ASN B 25 2.44 12.04 -23.68
C ASN B 25 3.81 11.87 -23.05
N VAL B 26 4.36 10.66 -23.13
CA VAL B 26 5.65 10.40 -22.51
C VAL B 26 6.72 11.29 -23.12
N ASP B 27 6.65 11.54 -24.42
CA ASP B 27 7.51 12.54 -25.04
C ASP B 27 7.23 13.91 -24.44
N LYS B 28 8.27 14.70 -24.30
CA LYS B 28 8.24 15.97 -23.57
C LYS B 28 7.92 15.77 -22.10
N MET B 29 8.11 14.55 -21.59
CA MET B 29 8.06 14.26 -20.15
C MET B 29 9.28 13.41 -19.84
N HIS B 30 10.40 14.08 -19.52
CA HIS B 30 11.66 13.41 -19.25
C HIS B 30 12.31 13.82 -17.94
N ASP B 31 11.95 14.95 -17.36
CA ASP B 31 12.42 15.33 -16.03
C ASP B 31 11.55 14.75 -14.93
N VAL B 32 10.49 14.03 -15.29
CA VAL B 32 9.65 13.31 -14.34
C VAL B 32 9.90 11.82 -14.39
N ILE B 33 10.12 11.27 -15.59
CA ILE B 33 10.37 9.84 -15.73
C ILE B 33 11.72 9.47 -15.13
N ALA B 34 12.75 10.26 -15.47
CA ALA B 34 14.11 9.91 -15.06
C ALA B 34 14.28 9.89 -13.54
N PRO B 35 13.93 10.95 -12.79
CA PRO B 35 14.10 10.88 -11.32
C PRO B 35 12.95 10.11 -10.70
N ALA B 36 13.23 8.89 -10.28
CA ALA B 36 12.22 8.04 -9.66
C ALA B 36 12.94 6.97 -8.84
N LYS B 37 12.17 6.20 -8.11
CA LYS B 37 12.69 5.13 -7.28
C LYS B 37 12.22 3.77 -7.81
N LEU B 38 12.58 2.72 -7.10
CA LEU B 38 12.22 1.37 -7.51
C LEU B 38 10.76 1.09 -7.19
N LEU B 39 10.07 0.45 -8.15
CA LEU B 39 8.71 -0.03 -7.96
C LEU B 39 7.75 1.09 -7.60
N GLU B 40 7.82 2.19 -8.36
CA GLU B 40 6.93 3.32 -8.21
C GLU B 40 6.23 3.58 -9.54
N TYR B 41 4.92 3.84 -9.48
CA TYR B 41 4.10 4.00 -10.67
C TYR B 41 3.93 5.49 -10.97
N VAL B 42 4.97 6.08 -11.57
CA VAL B 42 4.85 7.42 -12.11
C VAL B 42 4.04 7.33 -13.40
N HIS B 43 3.11 8.27 -13.57
CA HIS B 43 2.06 8.15 -14.56
C HIS B 43 2.40 8.91 -15.83
N ILE B 44 2.26 8.24 -16.97
CA ILE B 44 2.29 8.88 -18.26
C ILE B 44 0.89 8.78 -18.87
N GLY B 45 0.66 9.53 -19.93
CA GLY B 45 -0.64 9.56 -20.56
C GLY B 45 -0.90 8.31 -21.38
N PRO B 46 -2.01 8.30 -22.12
CA PRO B 46 -2.30 7.14 -22.99
C PRO B 46 -1.24 7.01 -24.08
N LEU B 47 -0.94 5.76 -24.44
CA LEU B 47 0.02 5.45 -25.48
C LEU B 47 -0.56 4.44 -26.44
N ALA B 48 -0.30 4.64 -27.73
CA ALA B 48 -0.69 3.65 -28.72
C ALA B 48 0.23 2.44 -28.63
N LYS B 49 -0.21 1.34 -29.24
CA LYS B 49 0.58 0.11 -29.19
C LYS B 49 1.87 0.23 -29.98
N ASP B 50 1.91 1.11 -30.99
CA ASP B 50 3.10 1.22 -31.81
C ASP B 50 4.23 1.98 -31.11
N LYS B 51 3.89 3.00 -30.32
CA LYS B 51 4.92 3.79 -29.66
C LYS B 51 5.47 3.13 -28.40
N GLU B 52 4.75 2.15 -27.85
CA GLU B 52 5.16 1.53 -26.59
C GLU B 52 6.59 1.01 -26.66
N ASP B 53 6.92 0.29 -27.73
CA ASP B 53 8.27 -0.24 -27.91
C ASP B 53 9.30 0.87 -27.74
N LYS B 54 9.05 2.01 -28.40
CA LYS B 54 9.98 3.14 -28.27
C LYS B 54 10.13 3.55 -26.82
N VAL B 55 9.01 3.69 -26.11
CA VAL B 55 9.06 4.05 -24.70
C VAL B 55 9.82 3.00 -23.91
N LYS B 56 9.73 1.73 -24.31
CA LYS B 56 10.51 0.69 -23.65
C LYS B 56 11.99 0.84 -23.98
N LYS B 57 12.32 1.17 -25.24
CA LYS B 57 13.72 1.27 -25.62
C LYS B 57 14.41 2.42 -24.92
N ARG B 58 13.73 3.57 -24.81
CA ARG B 58 14.31 4.72 -24.15
C ARG B 58 14.54 4.49 -22.67
N TYR B 59 13.80 3.57 -22.06
CA TYR B 59 13.85 3.33 -20.61
C TYR B 59 14.04 1.84 -20.37
N PRO B 60 15.28 1.38 -20.26
CA PRO B 60 15.52 -0.06 -20.04
C PRO B 60 15.22 -0.50 -18.62
N GLU B 61 15.52 0.36 -17.64
CA GLU B 61 15.19 0.03 -16.26
C GLU B 61 13.70 0.09 -15.98
N PHE B 62 12.94 0.71 -16.86
CA PHE B 62 11.50 0.86 -16.69
C PHE B 62 10.75 -0.16 -17.55
N ARG B 63 9.62 -0.62 -17.03
CA ARG B 63 8.73 -1.53 -17.73
C ARG B 63 7.35 -0.90 -17.76
N LEU B 64 6.72 -0.92 -18.94
CA LEU B 64 5.38 -0.37 -19.08
C LEU B 64 4.35 -1.29 -18.43
N VAL B 65 3.50 -0.72 -17.59
CA VAL B 65 2.41 -1.44 -16.95
C VAL B 65 1.11 -0.79 -17.37
N ASN B 66 0.16 -1.62 -17.80
CA ASN B 66 -1.12 -1.14 -18.33
C ASN B 66 -1.99 -0.71 -17.14
N THR B 67 -1.85 0.56 -16.76
CA THR B 67 -2.54 1.06 -15.58
C THR B 67 -4.05 1.04 -15.76
N GLY B 68 -4.53 1.52 -16.91
CA GLY B 68 -5.95 1.67 -17.12
C GLY B 68 -6.38 1.57 -18.57
N PRO B 69 -7.61 1.96 -18.84
CA PRO B 69 -8.16 1.83 -20.20
C PRO B 69 -7.60 2.90 -21.13
N GLY B 70 -7.89 2.71 -22.42
CA GLY B 70 -7.44 3.65 -23.42
C GLY B 70 -5.94 3.79 -23.53
N GLY B 71 -5.20 2.75 -23.14
CA GLY B 71 -3.75 2.82 -23.15
C GLY B 71 -3.14 3.53 -21.97
N LEU B 72 -3.92 3.83 -20.93
CA LEU B 72 -3.37 4.45 -19.74
C LEU B 72 -2.34 3.53 -19.09
N SER B 73 -1.07 3.93 -19.13
CA SER B 73 0.01 3.11 -18.64
C SER B 73 0.93 3.94 -17.74
N ALA B 74 1.68 3.23 -16.90
CA ALA B 74 2.70 3.82 -16.07
C ALA B 74 4.01 3.09 -16.34
N LEU B 75 5.10 3.64 -15.80
CA LEU B 75 6.42 3.05 -15.97
C LEU B 75 6.96 2.64 -14.60
N LEU B 76 7.20 1.34 -14.43
CA LEU B 76 7.67 0.79 -13.17
C LEU B 76 9.15 0.51 -13.27
N ARG B 77 9.93 1.06 -12.34
CA ARG B 77 11.38 0.90 -12.34
C ARG B 77 11.74 -0.33 -11.51
N GLN B 78 12.42 -1.29 -12.15
CA GLN B 78 12.83 -2.51 -11.48
C GLN B 78 14.33 -2.72 -11.47
N SER B 79 15.10 -1.76 -11.99
CA SER B 79 16.55 -1.92 -12.09
C SER B 79 17.20 -0.56 -12.07
N TYR B 80 18.51 -0.56 -11.81
CA TYR B 80 19.34 0.64 -11.83
C TYR B 80 20.59 0.31 -12.65
N ALA B 81 20.50 0.49 -13.97
CA ALA B 81 21.58 0.14 -14.87
C ALA B 81 22.58 1.29 -14.98
N GLY B 82 23.34 1.47 -13.90
CA GLY B 82 24.35 2.50 -13.86
C GLY B 82 25.75 1.95 -13.96
N THR B 83 26.43 2.23 -15.07
CA THR B 83 27.77 1.69 -15.30
C THR B 83 28.80 2.50 -14.52
N ALA B 84 29.78 1.79 -13.95
CA ALA B 84 30.73 2.43 -13.05
C ALA B 84 31.59 3.51 -13.71
N PRO B 85 32.23 3.28 -14.87
CA PRO B 85 33.08 4.34 -15.44
C PRO B 85 32.33 5.59 -15.87
N ASN B 86 31.03 5.68 -15.65
CA ASN B 86 30.25 6.86 -16.01
C ASN B 86 29.45 7.44 -14.85
N CYS B 87 28.95 6.59 -13.95
CA CYS B 87 28.03 7.06 -12.91
C CYS B 87 28.78 7.60 -11.70
N CYS B 88 29.60 6.76 -11.08
CA CYS B 88 30.33 7.15 -9.88
C CYS B 88 31.55 8.01 -10.17
N ARG B 89 31.92 8.18 -11.44
CA ARG B 89 33.00 9.10 -11.78
C ARG B 89 32.64 10.55 -11.50
N THR B 90 31.34 10.88 -11.46
CA THR B 90 30.88 12.24 -11.22
C THR B 90 29.69 12.19 -10.28
N PHE B 91 29.81 12.83 -9.13
CA PHE B 91 28.71 12.87 -8.17
C PHE B 91 27.49 13.60 -8.71
N GLN B 92 27.68 14.51 -9.68
CA GLN B 92 26.57 15.28 -10.22
C GLN B 92 25.55 14.38 -10.90
N ARG B 93 26.01 13.39 -11.65
CA ARG B 93 25.15 12.61 -12.53
C ARG B 93 24.22 11.73 -11.71
N THR B 94 22.97 12.17 -11.53
CA THR B 94 21.92 11.26 -11.10
C THR B 94 21.55 10.32 -12.22
N HIS B 95 21.51 10.82 -13.46
CA HIS B 95 21.26 9.99 -14.62
C HIS B 95 21.99 10.59 -15.81
N TYR B 96 22.23 9.75 -16.82
CA TYR B 96 22.88 10.18 -18.05
C TYR B 96 22.12 9.61 -19.23
N TRP B 97 22.50 10.04 -20.43
CA TRP B 97 21.83 9.61 -21.65
C TRP B 97 22.85 9.15 -22.67
N LYS B 98 22.62 7.98 -23.26
CA LYS B 98 23.47 7.47 -24.32
C LYS B 98 22.89 7.85 -25.67
N LYS B 99 23.77 8.21 -26.60
CA LYS B 99 23.36 8.64 -27.94
C LYS B 99 24.57 8.50 -28.85
N ASP B 100 24.42 7.69 -29.90
CA ASP B 100 25.50 7.44 -30.87
C ASP B 100 26.77 6.96 -30.18
N GLY B 101 26.62 6.22 -29.08
CA GLY B 101 27.75 5.70 -28.35
C GLY B 101 28.43 6.69 -27.42
N LYS B 102 27.84 7.85 -27.17
CA LYS B 102 28.42 8.84 -26.29
C LYS B 102 27.41 9.23 -25.23
N ILE B 103 27.90 9.48 -24.02
CA ILE B 103 27.03 9.85 -22.91
C ILE B 103 26.91 11.37 -22.85
N SER B 104 25.81 11.83 -22.26
CA SER B 104 25.53 13.25 -22.13
C SER B 104 24.63 13.46 -20.92
N ASP B 105 24.60 14.71 -20.45
CA ASP B 105 23.80 15.09 -19.30
C ASP B 105 22.53 15.84 -19.68
N LYS B 106 22.18 15.84 -20.96
CA LYS B 106 20.98 16.53 -21.45
C LYS B 106 20.20 15.59 -22.35
N TYR B 107 18.87 15.69 -22.29
CA TYR B 107 18.03 14.82 -23.09
C TYR B 107 18.16 15.12 -24.58
N GLU B 108 18.05 14.07 -25.38
CA GLU B 108 18.01 14.19 -26.84
C GLU B 108 17.08 13.13 -27.38
N GLU B 109 16.60 13.37 -28.61
CA GLU B 109 15.67 12.44 -29.24
C GLU B 109 16.38 11.13 -29.55
N GLY B 110 15.91 10.04 -28.96
CA GLY B 110 16.50 8.74 -29.16
C GLY B 110 17.54 8.35 -28.14
N ALA B 111 17.95 9.26 -27.27
CA ALA B 111 18.93 8.94 -26.24
C ALA B 111 18.34 7.99 -25.22
N VAL B 112 19.10 6.98 -24.83
CA VAL B 112 18.66 5.97 -23.88
C VAL B 112 19.06 6.41 -22.48
N LEU B 113 18.08 6.43 -21.57
CA LEU B 113 18.31 6.87 -20.21
C LEU B 113 19.00 5.79 -19.40
N GLU B 114 19.93 6.21 -18.54
CA GLU B 114 20.53 5.31 -17.57
C GLU B 114 20.67 6.06 -16.26
N SER B 115 19.96 5.62 -15.24
CA SER B 115 19.99 6.30 -13.95
C SER B 115 21.01 5.63 -13.04
N CYS B 116 21.08 6.11 -11.81
CA CYS B 116 22.04 5.64 -10.83
C CYS B 116 21.33 5.29 -9.53
N TRP B 117 21.94 4.38 -8.77
CA TRP B 117 21.43 4.07 -7.44
C TRP B 117 21.50 5.32 -6.57
N PRO B 118 20.54 5.50 -5.66
CA PRO B 118 20.68 6.59 -4.69
C PRO B 118 21.94 6.40 -3.88
N ASP B 119 22.65 7.52 -3.65
CA ASP B 119 23.94 7.58 -2.97
C ASP B 119 24.80 6.34 -3.27
N VAL B 120 25.08 6.13 -4.56
CA VAL B 120 25.72 4.89 -5.02
C VAL B 120 27.03 4.65 -4.29
N HIS B 121 27.69 5.72 -3.85
CA HIS B 121 28.90 5.56 -3.04
C HIS B 121 28.61 5.08 -1.64
N ASP B 122 27.37 5.19 -1.18
CA ASP B 122 26.96 4.65 0.12
C ASP B 122 26.60 3.18 0.06
N THR B 123 26.42 2.62 -1.14
CA THR B 123 26.09 1.21 -1.29
C THR B 123 27.25 0.39 -1.84
N GLY B 124 28.37 1.01 -2.17
CA GLY B 124 29.57 0.29 -2.56
C GLY B 124 29.51 -0.48 -3.86
N LYS B 125 28.79 0.04 -4.86
CA LYS B 125 28.80 -0.58 -6.18
C LYS B 125 30.08 -0.26 -6.94
N CYS B 126 30.76 0.82 -6.59
CA CYS B 126 31.85 1.36 -7.41
C CYS B 126 33.21 1.27 -6.76
N ASP B 127 33.33 0.68 -5.57
CA ASP B 127 34.63 0.63 -4.90
C ASP B 127 35.63 -0.20 -5.70
N VAL B 128 35.16 -1.17 -6.48
CA VAL B 128 36.06 -1.98 -7.28
C VAL B 128 36.63 -1.17 -8.44
N ASP B 129 35.78 -0.42 -9.14
CA ASP B 129 36.23 0.26 -10.35
C ASP B 129 36.91 1.59 -10.05
N LEU B 130 36.42 2.33 -9.05
CA LEU B 130 37.06 3.59 -8.70
C LEU B 130 38.46 3.39 -8.14
N PHE B 131 38.71 2.23 -7.53
CA PHE B 131 40.04 1.95 -7.00
C PHE B 131 41.06 1.79 -8.13
N ASP B 132 40.68 1.14 -9.21
CA ASP B 132 41.58 0.88 -10.33
C ASP B 132 41.57 1.98 -11.37
N TRP B 133 40.73 3.00 -11.22
CA TRP B 133 40.69 4.08 -12.21
C TRP B 133 41.63 5.22 -11.84
N CYS B 134 41.41 5.84 -10.68
CA CYS B 134 42.16 7.03 -10.28
C CYS B 134 43.33 6.71 -9.36
N GLN B 135 43.93 5.53 -9.50
CA GLN B 135 45.09 5.20 -8.69
C GLN B 135 46.25 6.16 -8.95
N GLY B 136 46.38 6.65 -10.17
CA GLY B 136 47.40 7.63 -10.49
C GLY B 136 47.23 8.16 -11.88
N ASP B 137 47.76 9.37 -12.10
CA ASP B 137 47.83 10.02 -13.41
C ASP B 137 46.46 10.49 -13.88
N THR B 138 45.40 10.14 -13.15
CA THR B 138 44.07 10.64 -13.43
C THR B 138 43.28 10.90 -12.16
N PHE B 139 43.94 10.93 -11.01
CA PHE B 139 43.27 11.22 -9.75
C PHE B 139 42.68 12.63 -9.78
N ASP B 140 41.42 12.74 -9.39
CA ASP B 140 40.72 14.02 -9.36
C ASP B 140 40.55 14.44 -7.90
N ARG B 141 41.07 15.63 -7.57
CA ARG B 141 40.94 16.14 -6.21
C ARG B 141 39.48 16.38 -5.84
N ASN B 142 38.58 16.42 -6.81
CA ASN B 142 37.15 16.55 -6.52
C ASN B 142 36.54 15.20 -6.16
N ILE B 143 36.59 14.25 -7.09
CA ILE B 143 35.75 13.07 -6.98
C ILE B 143 36.39 12.02 -6.08
N CYS B 144 37.60 11.58 -6.42
CA CYS B 144 38.25 10.53 -5.64
C CYS B 144 38.66 10.99 -4.25
N HIS B 145 38.62 12.29 -3.97
CA HIS B 145 38.72 12.78 -2.61
C HIS B 145 37.39 12.70 -1.88
N GLN B 146 36.28 12.98 -2.59
CA GLN B 146 34.96 12.81 -2.01
C GLN B 146 34.53 11.34 -1.98
N TRP B 147 35.21 10.49 -2.75
CA TRP B 147 34.94 9.06 -2.72
C TRP B 147 35.28 8.45 -1.35
N ILE B 148 36.20 9.06 -0.61
CA ILE B 148 36.55 8.58 0.73
C ILE B 148 35.65 9.21 1.79
N GLY B 149 34.67 10.00 1.39
CA GLY B 149 33.66 10.44 2.35
C GLY B 149 32.82 9.31 2.87
N SER B 150 32.75 8.20 2.12
CA SER B 150 32.00 7.03 2.57
C SER B 150 32.69 6.36 3.75
N ALA B 151 33.97 6.67 3.98
CA ALA B 151 34.72 6.01 5.04
C ALA B 151 34.04 6.14 6.39
N PHE B 152 33.31 7.23 6.61
CA PHE B 152 32.51 7.40 7.82
C PHE B 152 31.03 7.65 7.53
N ASN B 153 30.61 7.62 6.27
CA ASN B 153 29.22 7.84 5.90
C ASN B 153 28.51 6.57 5.45
N ARG B 154 29.19 5.43 5.45
CA ARG B 154 28.56 4.17 5.03
C ARG B 154 27.61 3.71 6.12
N ALA B 155 26.34 4.09 6.01
CA ALA B 155 25.28 3.67 6.91
C ALA B 155 24.37 2.66 6.24
N ASP B 156 24.94 1.86 5.34
CA ASP B 156 24.16 0.89 4.59
C ASP B 156 23.56 -0.17 5.50
N ARG B 157 24.33 -0.67 6.46
CA ARG B 157 23.88 -1.70 7.39
C ARG B 157 23.36 -2.93 6.64
N THR B 158 24.09 -3.33 5.61
CA THR B 158 23.71 -4.46 4.78
C THR B 158 24.87 -5.45 4.71
N VAL B 159 24.54 -6.73 4.52
CA VAL B 159 25.56 -7.76 4.47
C VAL B 159 26.53 -7.53 3.32
N GLU B 160 26.00 -7.24 2.14
CA GLU B 160 26.86 -6.96 0.99
C GLU B 160 27.63 -5.65 1.18
N GLY B 161 26.96 -4.62 1.71
CA GLY B 161 27.60 -3.33 1.83
C GLY B 161 28.76 -3.32 2.82
N GLN B 162 28.57 -3.95 3.98
CA GLN B 162 29.63 -4.01 4.98
C GLN B 162 30.81 -4.83 4.46
N GLN B 163 30.52 -5.93 3.77
CA GLN B 163 31.58 -6.73 3.17
C GLN B 163 32.35 -5.91 2.14
N SER B 164 31.64 -5.15 1.32
CA SER B 164 32.32 -4.30 0.34
C SER B 164 33.17 -3.24 1.02
N LEU B 165 32.67 -2.66 2.11
CA LEU B 165 33.43 -1.64 2.82
C LEU B 165 34.71 -2.21 3.41
N ILE B 166 34.62 -3.38 4.04
CA ILE B 166 35.80 -4.00 4.64
C ILE B 166 36.79 -4.44 3.56
N ASN B 167 36.27 -4.98 2.45
CA ASN B 167 37.14 -5.37 1.35
C ASN B 167 37.87 -4.16 0.77
N LEU B 168 37.16 -3.05 0.60
CA LEU B 168 37.80 -1.83 0.12
C LEU B 168 38.86 -1.35 1.11
N TYR B 169 38.55 -1.38 2.41
CA TYR B 169 39.52 -0.96 3.42
C TYR B 169 40.80 -1.77 3.29
N ASN B 170 40.69 -3.10 3.25
CA ASN B 170 41.89 -3.93 3.16
C ASN B 170 42.62 -3.74 1.83
N LYS B 171 41.86 -3.66 0.73
CA LYS B 171 42.48 -3.54 -0.59
C LYS B 171 43.28 -2.26 -0.72
N MET B 172 42.74 -1.15 -0.22
CA MET B 172 43.48 0.10 -0.22
C MET B 172 44.54 0.17 0.88
N GLN B 173 44.37 -0.58 1.98
CA GLN B 173 45.44 -0.65 2.97
C GLN B 173 46.67 -1.33 2.42
N THR B 174 46.49 -2.29 1.50
CA THR B 174 47.65 -2.88 0.83
C THR B 174 48.48 -1.82 0.11
N LEU B 175 47.81 -0.96 -0.66
CA LEU B 175 48.53 0.07 -1.42
C LEU B 175 49.13 1.12 -0.49
N CYS B 176 48.38 1.53 0.55
CA CYS B 176 48.94 2.48 1.51
C CYS B 176 50.05 1.86 2.35
N SER B 177 50.16 0.54 2.36
CA SER B 177 51.30 -0.10 3.02
C SER B 177 52.51 -0.16 2.09
N LYS B 178 52.29 -0.43 0.80
CA LYS B 178 53.42 -0.48 -0.14
C LYS B 178 54.12 0.86 -0.22
N ASP B 179 53.37 1.94 -0.48
CA ASP B 179 53.94 3.27 -0.61
C ASP B 179 52.86 4.28 -0.29
N ALA B 180 53.08 5.07 0.76
CA ALA B 180 52.09 6.05 1.19
C ALA B 180 51.94 7.20 0.20
N SER B 181 52.97 7.48 -0.62
CA SER B 181 53.00 8.67 -1.45
C SER B 181 51.85 8.73 -2.46
N VAL B 182 51.03 7.69 -2.57
CA VAL B 182 49.88 7.74 -3.47
C VAL B 182 48.90 8.80 -2.97
N PRO B 183 48.40 9.69 -3.82
CA PRO B 183 47.51 10.76 -3.34
C PRO B 183 46.24 10.25 -2.67
N ILE B 184 45.68 9.13 -3.15
CA ILE B 184 44.49 8.57 -2.53
C ILE B 184 44.79 8.17 -1.09
N CYS B 185 45.95 7.55 -0.87
CA CYS B 185 46.37 7.23 0.49
C CYS B 185 46.59 8.50 1.30
N GLU B 186 47.05 9.58 0.66
CA GLU B 186 47.20 10.84 1.39
C GLU B 186 45.86 11.35 1.90
N SER B 187 44.85 11.33 1.02
CA SER B 187 43.51 11.68 1.48
C SER B 187 43.01 10.71 2.55
N PHE B 188 43.45 9.45 2.48
CA PHE B 188 43.06 8.48 3.49
C PHE B 188 43.59 8.87 4.87
N LEU B 189 44.90 9.12 4.98
CA LEU B 189 45.42 9.57 6.26
C LEU B 189 44.91 10.96 6.64
N HIS B 190 44.42 11.75 5.68
CA HIS B 190 43.73 12.98 6.04
C HIS B 190 42.42 12.68 6.75
N HIS B 191 41.65 11.72 6.21
CA HIS B 191 40.36 11.36 6.80
C HIS B 191 40.49 10.52 8.06
N LEU B 192 41.61 9.85 8.25
CA LEU B 192 41.84 8.89 9.33
C LEU B 192 41.90 9.53 10.72
N ARG B 193 41.69 10.83 10.89
CA ARG B 193 41.79 11.42 12.22
C ARG B 193 40.74 10.84 13.17
N ALA B 194 39.47 10.84 12.75
CA ALA B 194 38.41 10.26 13.57
C ALA B 194 37.36 9.52 12.75
N HIS B 195 37.70 9.05 11.55
CA HIS B 195 36.68 8.47 10.67
C HIS B 195 36.13 7.16 11.23
N ASN B 196 36.99 6.33 11.84
CA ASN B 196 36.57 5.04 12.39
C ASN B 196 36.81 5.06 13.90
N THR B 197 35.78 5.44 14.66
CA THR B 197 35.84 5.55 16.11
C THR B 197 37.03 6.46 16.46
N GLU B 198 37.88 6.08 17.42
CA GLU B 198 39.08 6.85 17.73
C GLU B 198 40.35 6.03 17.81
N ASP B 199 40.27 4.72 17.96
CA ASP B 199 41.45 3.84 17.99
C ASP B 199 41.19 2.66 17.04
N SER B 200 41.47 2.87 15.76
CA SER B 200 41.43 1.79 14.77
C SER B 200 42.59 1.90 13.79
N LYS B 201 43.67 2.56 14.16
CA LYS B 201 44.78 2.88 13.27
C LYS B 201 46.05 2.23 13.79
N GLU B 202 46.62 1.32 13.00
CA GLU B 202 47.82 0.60 13.42
C GLU B 202 48.86 0.49 12.33
N MET B 203 48.60 1.07 11.15
CA MET B 203 49.57 1.05 10.05
C MET B 203 50.94 1.57 10.45
N ILE B 204 51.04 2.19 11.63
CA ILE B 204 52.33 2.65 12.15
C ILE B 204 53.32 1.49 12.21
N ASP B 205 52.88 0.33 12.71
CA ASP B 205 53.83 -0.73 13.03
C ASP B 205 53.88 -1.84 11.99
N TYR B 206 53.07 -1.79 10.93
CA TYR B 206 53.07 -2.88 9.96
C TYR B 206 54.19 -2.73 8.94
N ILE B 207 54.14 -1.67 8.12
CA ILE B 207 55.18 -1.45 7.12
C ILE B 207 55.74 -0.05 7.29
N LEU B 208 54.95 0.87 7.83
CA LEU B 208 55.44 2.20 8.12
C LEU B 208 56.43 2.22 9.29
N ARG B 209 56.55 1.11 10.03
CA ARG B 209 57.58 1.03 11.06
C ARG B 209 58.97 1.01 10.45
N GLN B 210 59.15 0.29 9.33
CA GLN B 210 60.43 0.21 8.64
C GLN B 210 60.21 0.58 7.18
N GLN B 211 60.66 1.77 6.80
CA GLN B 211 60.49 2.29 5.44
C GLN B 211 61.85 2.68 4.86
N SER B 212 61.82 3.23 3.66
CA SER B 212 63.04 3.60 2.97
C SER B 212 63.70 4.79 3.63
N ALA B 213 65.01 4.92 3.41
CA ALA B 213 65.76 6.04 3.97
C ALA B 213 65.36 7.37 3.31
N ASP B 214 65.00 7.33 2.03
CA ASP B 214 64.57 8.54 1.34
C ASP B 214 63.32 9.13 2.00
N PHE B 215 62.41 8.27 2.46
CA PHE B 215 61.24 8.74 3.18
C PHE B 215 61.61 9.46 4.47
N LYS B 216 62.80 9.19 5.01
CA LYS B 216 63.29 9.95 6.16
C LYS B 216 63.55 11.40 5.78
N GLN B 217 63.99 11.65 4.53
CA GLN B 217 64.31 12.99 4.08
C GLN B 217 63.28 13.56 3.10
N LYS B 218 62.24 12.82 2.76
CA LYS B 218 61.31 13.30 1.76
C LYS B 218 59.86 13.34 2.23
N TYR B 219 59.43 12.36 3.04
CA TYR B 219 58.04 12.29 3.46
C TYR B 219 57.84 12.14 4.96
N MET B 220 58.90 11.95 5.74
CA MET B 220 58.80 12.00 7.20
C MET B 220 60.16 12.46 7.71
N ARG B 221 60.29 13.76 7.95
CA ARG B 221 61.60 14.36 8.17
C ARG B 221 62.05 14.29 9.63
N CYS B 222 61.29 14.91 10.53
CA CYS B 222 61.65 14.96 11.94
C CYS B 222 60.81 14.04 12.81
N SER B 223 59.97 13.20 12.19
CA SER B 223 59.15 12.25 12.93
C SER B 223 59.75 10.85 12.92
N TYR B 224 60.34 10.45 11.80
CA TYR B 224 61.03 9.17 11.71
C TYR B 224 62.53 9.43 11.55
N PRO B 225 63.25 9.70 12.64
CA PRO B 225 64.65 10.11 12.52
C PRO B 225 65.63 8.97 12.64
N THR B 226 66.91 9.26 12.42
CA THR B 226 67.98 8.31 12.70
C THR B 226 68.35 8.35 14.18
N ARG B 227 69.26 7.48 14.58
CA ARG B 227 69.58 7.29 16.00
C ARG B 227 70.03 8.61 16.64
N ASP B 228 71.01 9.28 16.03
CA ASP B 228 71.46 10.55 16.57
C ASP B 228 70.34 11.59 16.54
N LYS B 229 69.58 11.64 15.43
CA LYS B 229 68.43 12.54 15.39
C LYS B 229 67.32 12.06 16.31
N LEU B 230 67.21 10.74 16.54
CA LEU B 230 66.23 10.25 17.51
C LEU B 230 66.53 10.77 18.91
N GLU B 231 67.81 10.76 19.30
CA GLU B 231 68.17 11.32 20.60
C GLU B 231 68.04 12.83 20.62
N GLU B 232 68.36 13.50 19.51
CA GLU B 232 68.28 14.95 19.47
C GLU B 232 66.84 15.46 19.50
N SER B 233 65.90 14.68 18.96
CA SER B 233 64.51 15.13 18.89
C SER B 233 63.91 15.35 20.27
N LEU B 234 64.16 14.42 21.20
CA LEU B 234 63.61 14.53 22.54
C LEU B 234 64.41 15.46 23.44
N LYS B 235 65.57 15.94 22.99
CA LYS B 235 66.38 16.83 23.80
C LYS B 235 65.77 18.23 23.85
N TYR B 236 66.22 19.02 24.81
CA TYR B 236 65.72 20.38 25.08
C TYR B 236 64.24 20.27 25.46
N ALA B 237 63.40 21.24 25.10
CA ALA B 237 61.97 21.22 25.43
C ALA B 237 61.20 21.35 24.13
N GLU B 238 60.99 20.22 23.46
CA GLU B 238 60.25 20.14 22.21
C GLU B 238 60.68 21.16 21.15
N PRO B 239 61.97 21.18 20.76
CA PRO B 239 62.36 21.99 19.60
C PRO B 239 62.18 21.22 18.30
N ARG B 240 62.25 19.89 18.40
CA ARG B 240 61.97 19.00 17.30
C ARG B 240 60.67 18.22 17.47
N GLU B 241 60.13 18.17 18.69
CA GLU B 241 58.80 17.61 18.89
C GLU B 241 57.77 18.52 18.22
N CYS B 242 56.69 17.91 17.76
CA CYS B 242 55.79 18.48 16.75
C CYS B 242 56.68 18.92 15.59
N TRP B 243 56.27 19.91 14.80
CA TRP B 243 57.10 20.34 13.68
C TRP B 243 57.41 21.83 13.85
N ASP B 244 58.37 22.11 14.73
CA ASP B 244 58.97 23.44 14.86
C ASP B 244 60.15 23.70 13.91
N PRO B 245 61.23 22.88 13.96
CA PRO B 245 62.52 23.36 13.43
C PRO B 245 62.57 23.52 11.92
N GLU B 246 62.30 22.44 11.19
CA GLU B 246 62.29 22.46 9.73
C GLU B 246 61.12 21.70 9.13
N CYS B 247 60.52 20.76 9.86
CA CYS B 247 59.39 19.99 9.35
C CYS B 247 58.12 20.82 9.24
N SER B 248 58.11 22.04 9.79
CA SER B 248 56.97 22.92 9.61
C SER B 248 56.77 23.27 8.13
N ASN B 249 57.86 23.41 7.38
CA ASN B 249 57.75 23.65 5.95
C ASN B 249 57.08 22.49 5.25
N ALA B 250 57.44 21.27 5.63
CA ALA B 250 56.76 20.09 5.08
C ALA B 250 55.34 20.02 5.61
N ASN B 251 54.40 19.80 4.70
CA ASN B 251 53.00 19.75 5.08
C ASN B 251 52.71 18.51 5.92
N VAL B 252 51.64 18.57 6.71
CA VAL B 252 51.25 17.45 7.54
C VAL B 252 50.45 16.49 6.67
N ASN B 253 51.15 15.62 5.95
CA ASN B 253 50.53 14.68 5.03
C ASN B 253 50.57 13.26 5.56
N PHE B 254 51.76 12.73 5.84
CA PHE B 254 51.95 11.35 6.26
C PHE B 254 52.61 11.37 7.64
N LEU B 255 51.79 11.44 8.69
CA LEU B 255 52.26 11.40 10.06
C LEU B 255 51.64 10.19 10.75
N LEU B 256 52.48 9.41 11.41
CA LEU B 256 52.00 8.24 12.13
C LEU B 256 51.01 8.67 13.21
N THR B 257 49.89 7.93 13.30
CA THR B 257 48.79 8.35 14.16
C THR B 257 49.21 8.41 15.62
N ARG B 258 49.95 7.40 16.08
CA ARG B 258 50.53 7.47 17.42
C ARG B 258 51.53 8.61 17.51
N ASN B 259 52.37 8.76 16.48
CA ASN B 259 53.29 9.89 16.43
C ASN B 259 52.58 11.22 16.27
N TYR B 260 51.33 11.21 15.81
CA TYR B 260 50.58 12.46 15.62
C TYR B 260 50.28 13.11 16.97
N ASN B 261 49.50 12.42 17.81
CA ASN B 261 49.20 12.96 19.14
C ASN B 261 50.46 13.14 19.97
N ASN B 262 51.40 12.20 19.87
CA ASN B 262 52.58 12.25 20.73
C ASN B 262 53.52 13.38 20.32
N LEU B 263 54.06 13.31 19.09
CA LEU B 263 54.97 14.36 18.63
C LEU B 263 54.24 15.69 18.42
N GLY B 264 53.22 15.69 17.56
CA GLY B 264 52.56 16.94 17.27
C GLY B 264 51.46 17.26 18.26
N LEU B 265 51.82 18.02 19.30
CA LEU B 265 50.86 18.49 20.27
C LEU B 265 51.17 19.93 20.70
N CYS B 266 52.09 20.61 20.03
CA CYS B 266 52.39 22.00 20.36
C CYS B 266 51.12 22.84 20.27
N ASN B 267 50.90 23.66 21.30
CA ASN B 267 49.67 24.44 21.39
C ASN B 267 49.59 25.45 20.25
N TYR C 1 -18.70 -14.46 -11.36
CA TYR C 1 -18.23 -13.76 -10.17
C TYR C 1 -19.37 -12.98 -9.51
N ARG C 2 -20.38 -13.70 -9.04
CA ARG C 2 -21.53 -13.12 -8.37
C ARG C 2 -21.79 -13.85 -7.06
N LEU C 3 -22.46 -13.15 -6.15
CA LEU C 3 -22.89 -13.72 -4.87
C LEU C 3 -24.40 -13.61 -4.71
N GLN C 4 -25.14 -13.65 -5.82
CA GLN C 4 -26.60 -13.59 -5.74
C GLN C 4 -27.16 -14.86 -5.10
N GLY C 5 -26.72 -16.02 -5.59
CA GLY C 5 -27.09 -17.26 -4.93
C GLY C 5 -26.56 -17.34 -3.52
N PHE C 6 -25.42 -16.71 -3.27
CA PHE C 6 -24.86 -16.66 -1.91
C PHE C 6 -25.86 -16.04 -0.94
N THR C 7 -26.44 -14.90 -1.30
CA THR C 7 -27.44 -14.27 -0.43
C THR C 7 -28.77 -14.99 -0.49
N ASN C 8 -29.13 -15.55 -1.64
CA ASN C 8 -30.39 -16.27 -1.76
C ASN C 8 -30.41 -17.51 -0.89
N ALA C 9 -29.25 -18.13 -0.65
CA ALA C 9 -29.20 -19.28 0.26
C ALA C 9 -29.62 -18.87 1.67
N GLY C 10 -29.09 -17.75 2.16
CA GLY C 10 -29.50 -17.27 3.47
C GLY C 10 -30.95 -16.83 3.48
N ILE C 11 -31.42 -16.25 2.38
CA ILE C 11 -32.83 -15.86 2.28
C ILE C 11 -33.73 -17.09 2.40
N VAL C 12 -33.38 -18.16 1.70
CA VAL C 12 -34.15 -19.40 1.78
C VAL C 12 -34.10 -19.97 3.18
N ALA C 13 -32.92 -19.95 3.81
CA ALA C 13 -32.80 -20.42 5.19
C ALA C 13 -33.71 -19.63 6.11
N TYR C 14 -33.84 -18.33 5.86
CA TYR C 14 -34.75 -17.51 6.67
C TYR C 14 -36.20 -17.84 6.36
N LYS C 15 -36.51 -18.20 5.11
CA LYS C 15 -37.90 -18.50 4.75
C LYS C 15 -38.42 -19.72 5.50
N ASN C 16 -37.60 -20.76 5.61
CA ASN C 16 -38.06 -22.01 6.22
C ASN C 16 -38.19 -21.90 7.73
N ILE C 17 -37.75 -20.80 8.34
CA ILE C 17 -37.94 -20.61 9.77
C ILE C 17 -39.43 -20.41 10.05
N GLN C 18 -40.00 -21.29 10.86
CA GLN C 18 -41.40 -21.23 11.24
C GLN C 18 -41.48 -20.69 12.67
N ASP C 19 -41.50 -19.37 12.79
CA ASP C 19 -41.59 -18.70 14.07
C ASP C 19 -42.16 -17.31 13.86
N ASP C 20 -42.56 -16.67 14.95
CA ASP C 20 -43.06 -15.31 14.88
C ASP C 20 -42.07 -14.28 15.39
N ASN C 21 -41.20 -14.66 16.32
CA ASN C 21 -40.11 -13.79 16.78
C ASN C 21 -38.82 -14.31 16.16
N ILE C 22 -38.54 -13.87 14.93
CA ILE C 22 -37.38 -14.31 14.18
C ILE C 22 -36.38 -13.18 14.11
N VAL C 23 -35.11 -13.51 14.35
CA VAL C 23 -33.97 -12.63 14.09
C VAL C 23 -32.88 -13.50 13.49
N PHE C 24 -32.64 -13.37 12.19
CA PHE C 24 -31.77 -14.27 11.45
C PHE C 24 -30.73 -13.45 10.70
N SER C 25 -29.57 -14.07 10.48
CA SER C 25 -28.47 -13.47 9.74
C SER C 25 -28.18 -14.33 8.52
N PRO C 26 -28.79 -14.02 7.37
CA PRO C 26 -28.47 -14.78 6.15
C PRO C 26 -27.01 -14.71 5.77
N PHE C 27 -26.33 -13.60 6.10
CA PHE C 27 -24.93 -13.46 5.70
C PHE C 27 -24.04 -14.47 6.39
N GLY C 28 -24.27 -14.75 7.67
CA GLY C 28 -23.44 -15.72 8.37
C GLY C 28 -23.62 -17.13 7.86
N TYR C 29 -24.88 -17.54 7.65
CA TYR C 29 -25.16 -18.85 7.09
C TYR C 29 -24.56 -18.99 5.70
N SER C 30 -24.71 -17.95 4.88
CA SER C 30 -24.15 -17.96 3.54
C SER C 30 -22.63 -18.03 3.58
N PHE C 31 -22.01 -17.31 4.52
CA PHE C 31 -20.56 -17.34 4.65
C PHE C 31 -20.08 -18.74 5.02
N SER C 32 -20.76 -19.38 5.97
CA SER C 32 -20.37 -20.74 6.35
C SER C 32 -20.50 -21.68 5.16
N MET C 33 -21.63 -21.63 4.46
CA MET C 33 -21.82 -22.52 3.31
C MET C 33 -20.81 -22.25 2.20
N PHE C 34 -20.50 -20.98 1.96
CA PHE C 34 -19.61 -20.62 0.86
C PHE C 34 -18.16 -20.97 1.17
N MET C 35 -17.71 -20.73 2.40
CA MET C 35 -16.31 -20.94 2.74
C MET C 35 -16.05 -22.32 3.34
N SER C 36 -17.06 -23.17 3.46
CA SER C 36 -16.80 -24.59 3.62
C SER C 36 -16.43 -25.26 2.30
N LEU C 37 -16.31 -24.49 1.22
CA LEU C 37 -15.93 -25.04 -0.06
C LEU C 37 -14.44 -25.39 -0.12
N LEU C 38 -13.61 -24.67 0.65
CA LEU C 38 -12.18 -24.98 0.66
C LEU C 38 -11.89 -26.39 1.15
N PRO C 39 -12.44 -26.87 2.27
CA PRO C 39 -12.21 -28.27 2.66
C PRO C 39 -13.09 -29.26 1.92
N ALA C 40 -14.09 -28.80 1.17
CA ALA C 40 -14.97 -29.72 0.46
C ALA C 40 -14.25 -30.33 -0.74
N SER C 41 -14.75 -31.49 -1.16
CA SER C 41 -14.18 -32.20 -2.30
C SER C 41 -15.20 -33.18 -2.84
N GLY C 42 -15.16 -33.39 -4.15
CA GLY C 42 -16.03 -34.38 -4.75
C GLY C 42 -17.50 -34.03 -4.59
N ASN C 43 -18.26 -34.97 -4.01
CA ASN C 43 -19.71 -34.82 -3.94
C ASN C 43 -20.12 -33.61 -3.10
N THR C 44 -19.49 -33.43 -1.94
CA THR C 44 -19.86 -32.29 -1.11
C THR C 44 -19.48 -30.97 -1.77
N ARG C 45 -18.37 -30.95 -2.53
CA ARG C 45 -18.00 -29.73 -3.24
C ARG C 45 -19.03 -29.37 -4.30
N ILE C 46 -19.51 -30.36 -5.06
CA ILE C 46 -20.51 -30.04 -6.08
C ILE C 46 -21.84 -29.66 -5.43
N GLU C 47 -22.17 -30.25 -4.28
CA GLU C 47 -23.40 -29.84 -3.59
C GLU C 47 -23.29 -28.40 -3.10
N LEU C 48 -22.14 -28.01 -2.56
CA LEU C 48 -21.96 -26.63 -2.10
C LEU C 48 -21.78 -25.66 -3.25
N LEU C 49 -21.37 -26.15 -4.43
CA LEU C 49 -21.34 -25.30 -5.62
C LEU C 49 -22.69 -25.24 -6.32
N LYS C 50 -23.61 -26.13 -5.97
CA LYS C 50 -24.97 -26.07 -6.51
C LYS C 50 -25.92 -25.30 -5.62
N THR C 51 -25.70 -25.29 -4.30
CA THR C 51 -26.59 -24.53 -3.42
C THR C 51 -26.54 -23.05 -3.72
N MET C 52 -25.35 -22.51 -3.99
CA MET C 52 -25.17 -21.16 -4.49
C MET C 52 -24.70 -21.24 -5.92
N ASP C 53 -25.28 -20.43 -6.80
CA ASP C 53 -25.07 -20.57 -8.25
C ASP C 53 -23.66 -20.12 -8.57
N LEU C 54 -22.71 -21.04 -8.38
CA LEU C 54 -21.30 -20.80 -8.65
C LEU C 54 -20.73 -22.03 -9.35
N ARG C 55 -20.46 -21.91 -10.65
CA ARG C 55 -19.83 -23.00 -11.37
C ARG C 55 -18.37 -23.14 -10.94
N LYS C 56 -17.75 -24.24 -11.36
CA LYS C 56 -16.39 -24.53 -10.93
C LYS C 56 -15.41 -23.48 -11.42
N ARG C 57 -15.60 -22.99 -12.65
CA ARG C 57 -14.74 -21.92 -13.15
C ARG C 57 -14.90 -20.64 -12.33
N ASP C 58 -16.13 -20.33 -11.93
CA ASP C 58 -16.39 -19.12 -11.18
C ASP C 58 -15.90 -19.18 -9.74
N LEU C 59 -15.36 -20.30 -9.30
CA LEU C 59 -14.76 -20.37 -7.97
C LEU C 59 -13.42 -19.66 -7.98
N GLY C 60 -13.30 -18.61 -7.17
CA GLY C 60 -12.10 -17.83 -7.08
C GLY C 60 -12.31 -16.38 -7.47
N PRO C 61 -12.99 -16.12 -8.59
CA PRO C 61 -13.55 -14.79 -8.80
C PRO C 61 -14.69 -14.47 -7.84
N ALA C 62 -15.48 -15.47 -7.45
CA ALA C 62 -16.48 -15.27 -6.41
C ALA C 62 -15.83 -14.90 -5.08
N PHE C 63 -14.64 -15.44 -4.81
CA PHE C 63 -13.92 -15.06 -3.60
C PHE C 63 -13.41 -13.63 -3.68
N THR C 64 -12.96 -13.19 -4.85
CA THR C 64 -12.62 -11.77 -5.01
C THR C 64 -13.84 -10.91 -4.74
N GLU C 65 -15.00 -11.31 -5.27
CA GLU C 65 -16.22 -10.55 -5.01
C GLU C 65 -16.54 -10.51 -3.53
N LEU C 66 -16.40 -11.64 -2.84
CA LEU C 66 -16.72 -11.69 -1.41
C LEU C 66 -15.79 -10.81 -0.60
N ILE C 67 -14.49 -10.88 -0.89
CA ILE C 67 -13.52 -10.09 -0.12
C ILE C 67 -13.67 -8.61 -0.43
N SER C 68 -13.95 -8.27 -1.70
CA SER C 68 -14.21 -6.88 -2.05
C SER C 68 -15.46 -6.37 -1.35
N GLY C 69 -16.50 -7.20 -1.26
CA GLY C 69 -17.69 -6.81 -0.53
C GLY C 69 -17.43 -6.62 0.94
N LEU C 70 -16.58 -7.47 1.52
CA LEU C 70 -16.22 -7.30 2.93
C LEU C 70 -15.46 -5.99 3.14
N ALA C 71 -14.53 -5.68 2.23
CA ALA C 71 -13.80 -4.42 2.33
C ALA C 71 -14.74 -3.22 2.19
N LYS C 72 -15.68 -3.30 1.25
CA LYS C 72 -16.66 -2.23 1.10
C LYS C 72 -17.54 -2.10 2.33
N LEU C 73 -17.87 -3.22 2.96
CA LEU C 73 -18.65 -3.18 4.20
C LEU C 73 -17.87 -2.55 5.34
N LYS C 74 -16.55 -2.74 5.35
CA LYS C 74 -15.69 -2.08 6.34
C LYS C 74 -15.03 -0.89 5.68
N THR C 75 -15.81 0.18 5.51
CA THR C 75 -15.34 1.42 4.90
C THR C 75 -15.60 2.66 5.73
N SER C 76 -16.12 2.51 6.96
CA SER C 76 -16.46 3.66 7.77
C SER C 76 -16.23 3.33 9.23
N LYS C 77 -16.16 4.37 10.05
CA LYS C 77 -16.00 4.23 11.49
C LYS C 77 -17.31 4.38 12.25
N TYR C 78 -18.25 5.17 11.73
CA TYR C 78 -19.55 5.30 12.37
C TYR C 78 -20.35 4.01 12.25
N THR C 79 -20.31 3.38 11.09
CA THR C 79 -20.89 2.06 10.88
C THR C 79 -19.82 1.12 10.34
N TYR C 80 -19.90 -0.14 10.75
CA TYR C 80 -18.97 -1.14 10.24
C TYR C 80 -19.55 -2.53 10.45
N THR C 81 -19.13 -3.45 9.58
CA THR C 81 -19.44 -4.87 9.71
C THR C 81 -18.14 -5.65 9.79
N ASP C 82 -18.00 -6.46 10.84
CA ASP C 82 -16.86 -7.32 11.04
C ASP C 82 -17.27 -8.77 10.83
N LEU C 83 -16.47 -9.50 10.05
CA LEU C 83 -16.73 -10.90 9.74
C LEU C 83 -15.49 -11.71 10.09
N THR C 84 -15.66 -12.69 10.99
CA THR C 84 -14.56 -13.52 11.45
C THR C 84 -14.91 -14.99 11.27
N TYR C 85 -13.87 -15.81 11.13
CA TYR C 85 -14.05 -17.24 10.90
C TYR C 85 -12.92 -18.02 11.56
N GLN C 86 -13.26 -19.12 12.22
CA GLN C 86 -12.30 -19.99 12.87
C GLN C 86 -12.67 -21.45 12.64
N SER C 87 -11.64 -22.29 12.58
CA SER C 87 -11.82 -23.73 12.43
C SER C 87 -10.95 -24.44 13.46
N PHE C 88 -11.42 -25.60 13.91
CA PHE C 88 -10.74 -26.38 14.92
C PHE C 88 -10.74 -27.84 14.51
N VAL C 89 -9.55 -28.42 14.33
CA VAL C 89 -9.38 -29.76 13.83
C VAL C 89 -8.65 -30.59 14.90
N ASP C 90 -9.14 -31.81 15.13
CA ASP C 90 -8.56 -32.68 16.14
C ASP C 90 -7.10 -32.99 15.80
N ASN C 91 -6.28 -33.11 16.85
CA ASN C 91 -4.87 -33.43 16.64
C ASN C 91 -4.69 -34.81 16.01
N THR C 92 -5.63 -35.72 16.25
CA THR C 92 -5.58 -37.04 15.64
C THR C 92 -5.89 -37.01 14.15
N VAL C 93 -6.34 -35.86 13.63
CA VAL C 93 -6.62 -35.69 12.21
C VAL C 93 -5.40 -35.11 11.54
N SER C 94 -4.95 -35.74 10.45
CA SER C 94 -3.71 -35.37 9.76
C SER C 94 -4.06 -34.59 8.50
N ILE C 95 -4.19 -33.26 8.65
CA ILE C 95 -4.58 -32.41 7.53
C ILE C 95 -3.50 -32.42 6.46
N LYS C 96 -3.93 -32.21 5.21
CA LYS C 96 -3.02 -32.29 4.08
C LYS C 96 -1.95 -31.20 4.19
N PRO C 97 -0.70 -31.50 3.80
CA PRO C 97 0.34 -30.46 3.87
C PRO C 97 0.03 -29.25 2.99
N SER C 98 -0.54 -29.46 1.81
CA SER C 98 -0.88 -28.34 0.94
C SER C 98 -1.96 -27.47 1.57
N TYR C 99 -2.97 -28.10 2.18
CA TYR C 99 -4.04 -27.32 2.80
C TYR C 99 -3.52 -26.48 3.95
N TYR C 100 -2.60 -27.04 4.74
CA TYR C 100 -2.00 -26.25 5.82
C TYR C 100 -1.13 -25.13 5.28
N GLN C 101 -0.36 -25.40 4.22
CA GLN C 101 0.46 -24.33 3.65
C GLN C 101 -0.41 -23.24 3.04
N GLN C 102 -1.64 -23.56 2.64
CA GLN C 102 -2.51 -22.58 1.99
C GLN C 102 -3.34 -21.79 2.98
N TYR C 103 -4.18 -22.47 3.77
CA TYR C 103 -5.22 -21.80 4.56
C TYR C 103 -5.06 -21.99 6.06
N HIS C 104 -3.85 -22.23 6.57
CA HIS C 104 -3.71 -22.40 8.01
C HIS C 104 -3.79 -21.07 8.75
N ARG C 105 -3.54 -19.95 8.07
CA ARG C 105 -3.67 -18.64 8.70
C ARG C 105 -5.11 -18.15 8.73
N PHE C 106 -6.02 -18.79 8.00
CA PHE C 106 -7.41 -18.38 7.95
C PHE C 106 -8.25 -19.12 8.99
N GLY C 107 -7.82 -19.08 10.25
CA GLY C 107 -8.60 -19.59 11.35
C GLY C 107 -8.42 -21.05 11.70
N LEU C 108 -7.44 -21.73 11.10
CA LEU C 108 -7.19 -23.11 11.48
C LEU C 108 -6.49 -23.17 12.84
N TYR C 109 -6.93 -24.09 13.68
CA TYR C 109 -6.32 -24.32 14.98
C TYR C 109 -6.42 -25.80 15.32
N ARG C 110 -5.43 -26.28 16.08
CA ARG C 110 -5.31 -27.69 16.41
C ARG C 110 -5.54 -27.89 17.90
N LEU C 111 -6.37 -28.88 18.24
CA LEU C 111 -6.61 -29.29 19.61
C LEU C 111 -7.39 -30.59 19.61
N ASN C 112 -7.14 -31.41 20.62
CA ASN C 112 -7.88 -32.65 20.81
C ASN C 112 -9.14 -32.36 21.62
N PHE C 113 -10.25 -32.97 21.20
CA PHE C 113 -11.55 -32.69 21.78
C PHE C 113 -11.84 -33.50 23.03
N ARG C 114 -10.90 -34.33 23.48
CA ARG C 114 -11.13 -35.13 24.67
C ARG C 114 -10.98 -34.31 25.95
N ARG C 115 -10.05 -33.36 25.98
CA ARG C 115 -9.74 -32.59 27.19
C ARG C 115 -9.88 -31.10 26.90
N ASP C 116 -10.70 -30.43 27.71
CA ASP C 116 -10.86 -28.97 27.67
C ASP C 116 -11.14 -28.50 26.25
N ALA C 117 -12.22 -29.01 25.68
CA ALA C 117 -12.56 -28.77 24.29
C ALA C 117 -13.42 -27.54 24.06
N VAL C 118 -13.89 -26.89 25.11
CA VAL C 118 -14.85 -25.81 25.00
C VAL C 118 -14.28 -24.47 25.44
N ASN C 119 -13.58 -24.46 26.58
CA ASN C 119 -13.04 -23.20 27.11
C ASN C 119 -12.00 -22.61 26.18
N LYS C 120 -11.14 -23.45 25.59
CA LYS C 120 -10.14 -22.96 24.66
C LYS C 120 -10.80 -22.38 23.41
N ILE C 121 -11.84 -23.03 22.90
CA ILE C 121 -12.55 -22.50 21.74
C ILE C 121 -13.19 -21.16 22.07
N ASN C 122 -13.80 -21.06 23.25
CA ASN C 122 -14.41 -19.79 23.66
C ASN C 122 -13.36 -18.69 23.78
N SER C 123 -12.20 -19.02 24.36
CA SER C 123 -11.14 -18.03 24.48
C SER C 123 -10.63 -17.58 23.12
N ILE C 124 -10.49 -18.53 22.18
CA ILE C 124 -10.03 -18.18 20.83
C ILE C 124 -11.03 -17.26 20.14
N VAL C 125 -12.33 -17.59 20.25
CA VAL C 125 -13.34 -16.76 19.59
C VAL C 125 -13.40 -15.37 20.23
N GLU C 126 -13.34 -15.30 21.55
CA GLU C 126 -13.30 -14.00 22.23
C GLU C 126 -12.03 -13.22 21.90
N ARG C 127 -10.94 -13.91 21.57
CA ARG C 127 -9.74 -13.21 21.14
C ARG C 127 -9.89 -12.64 19.74
N ARG C 128 -10.39 -13.45 18.81
CA ARG C 128 -10.47 -13.01 17.42
C ARG C 128 -11.74 -12.23 17.10
N SER C 129 -12.69 -12.13 18.02
CA SER C 129 -13.90 -11.37 17.80
C SER C 129 -14.47 -10.94 19.15
N GLY C 130 -15.69 -10.42 19.12
CA GLY C 130 -16.35 -9.92 20.30
C GLY C 130 -17.42 -10.79 20.90
N MET C 131 -17.49 -12.07 20.53
CA MET C 131 -18.53 -12.97 21.01
C MET C 131 -17.99 -13.82 22.15
N SER C 132 -18.77 -13.91 23.23
CA SER C 132 -18.41 -14.69 24.41
C SER C 132 -19.50 -15.69 24.74
N ASN C 133 -19.12 -16.74 25.46
CA ASN C 133 -20.01 -17.86 25.76
C ASN C 133 -20.58 -18.45 24.49
N VAL C 134 -19.78 -18.42 23.42
CA VAL C 134 -20.24 -18.88 22.13
C VAL C 134 -20.43 -20.39 22.15
N VAL C 135 -19.55 -21.09 22.86
CA VAL C 135 -19.60 -22.54 22.96
C VAL C 135 -19.82 -22.93 24.42
N ASP C 136 -20.77 -23.83 24.65
CA ASP C 136 -21.09 -24.34 25.98
C ASP C 136 -20.61 -25.78 26.10
N SER C 137 -20.59 -26.27 27.34
CA SER C 137 -19.96 -27.56 27.62
C SER C 137 -20.69 -28.71 26.97
N ASN C 138 -21.97 -28.55 26.65
CA ASN C 138 -22.76 -29.64 26.10
C ASN C 138 -22.72 -29.69 24.58
N MET C 139 -21.93 -28.84 23.94
CA MET C 139 -21.91 -28.74 22.49
C MET C 139 -20.79 -29.55 21.83
N LEU C 140 -19.85 -30.09 22.60
CA LEU C 140 -18.78 -30.90 22.05
C LEU C 140 -18.59 -32.15 22.90
N ASP C 141 -18.38 -33.28 22.24
CA ASP C 141 -18.24 -34.58 22.87
C ASP C 141 -16.91 -35.22 22.48
N ASN C 142 -16.68 -36.44 22.97
CA ASN C 142 -15.45 -37.14 22.65
C ASN C 142 -15.42 -37.63 21.21
N ASN C 143 -16.58 -37.94 20.64
CA ASN C 143 -16.66 -38.38 19.25
C ASN C 143 -16.21 -37.26 18.32
N THR C 144 -16.60 -36.02 18.62
CA THR C 144 -16.35 -34.90 17.73
C THR C 144 -14.86 -34.71 17.47
N LEU C 145 -14.52 -34.46 16.20
CA LEU C 145 -13.15 -34.18 15.80
C LEU C 145 -13.02 -32.88 15.01
N TRP C 146 -14.11 -32.12 14.84
CA TRP C 146 -14.09 -30.94 14.00
C TRP C 146 -15.10 -29.92 14.51
N ALA C 147 -14.71 -28.65 14.50
CA ALA C 147 -15.59 -27.56 14.89
C ALA C 147 -15.36 -26.37 13.98
N ILE C 148 -16.44 -25.64 13.69
CA ILE C 148 -16.35 -24.46 12.83
C ILE C 148 -17.14 -23.33 13.48
N ILE C 149 -16.62 -22.10 13.40
CA ILE C 149 -17.29 -20.96 13.99
C ILE C 149 -17.18 -19.76 13.04
N ASN C 150 -18.29 -19.04 12.87
CA ASN C 150 -18.37 -17.86 12.04
C ASN C 150 -19.08 -16.76 12.82
N THR C 151 -18.60 -15.52 12.68
CA THR C 151 -19.09 -14.42 13.52
C THR C 151 -19.31 -13.17 12.68
N ILE C 152 -20.45 -12.51 12.90
CA ILE C 152 -20.83 -11.28 12.23
C ILE C 152 -21.15 -10.22 13.28
N TYR C 153 -20.61 -9.02 13.11
CA TYR C 153 -20.93 -7.88 13.95
C TYR C 153 -21.29 -6.71 13.05
N PHE C 154 -22.41 -6.05 13.34
CA PHE C 154 -22.83 -4.86 12.61
C PHE C 154 -23.10 -3.75 13.60
N LYS C 155 -22.50 -2.58 13.38
CA LYS C 155 -22.79 -1.40 14.17
C LYS C 155 -23.08 -0.25 13.23
N GLY C 156 -24.30 0.27 13.28
CA GLY C 156 -24.65 1.36 12.40
C GLY C 156 -25.34 2.52 13.10
N ILE C 157 -24.71 3.69 13.06
CA ILE C 157 -25.29 4.90 13.63
C ILE C 157 -26.25 5.49 12.61
N TRP C 158 -27.46 5.82 13.06
CA TRP C 158 -28.50 6.30 12.15
C TRP C 158 -28.05 7.57 11.43
N GLN C 159 -28.30 7.61 10.12
CA GLN C 159 -28.07 8.84 9.37
C GLN C 159 -29.00 9.95 9.86
N TYR C 160 -30.26 9.61 10.13
CA TYR C 160 -31.22 10.53 10.73
C TYR C 160 -31.47 10.10 12.16
N PRO C 161 -30.90 10.78 13.15
CA PRO C 161 -31.05 10.32 14.54
C PRO C 161 -32.50 10.37 14.99
N PHE C 162 -32.84 9.45 15.89
CA PHE C 162 -34.20 9.27 16.38
C PHE C 162 -34.36 10.05 17.67
N ASP C 163 -35.19 11.10 17.63
CA ASP C 163 -35.33 11.97 18.79
C ASP C 163 -35.94 11.22 19.96
N ILE C 164 -35.35 11.40 21.14
CA ILE C 164 -35.79 10.70 22.34
C ILE C 164 -36.89 11.52 23.01
N THR C 165 -38.13 11.02 22.96
CA THR C 165 -39.26 11.66 23.58
C THR C 165 -40.15 10.58 24.20
N LYS C 166 -40.94 11.00 25.19
CA LYS C 166 -41.75 10.04 25.95
C LYS C 166 -42.91 9.54 25.11
N THR C 167 -42.89 8.24 24.79
CA THR C 167 -43.98 7.59 24.07
C THR C 167 -43.89 6.10 24.34
N ARG C 168 -45.05 5.48 24.61
CA ARG C 168 -45.10 4.05 24.88
C ARG C 168 -46.36 3.48 24.27
N ASN C 169 -46.35 2.17 24.02
CA ASN C 169 -47.46 1.49 23.39
C ASN C 169 -47.77 0.20 24.15
N ALA C 170 -49.01 -0.26 24.02
CA ALA C 170 -49.48 -1.46 24.71
C ALA C 170 -50.16 -2.39 23.72
N SER C 171 -50.13 -3.69 24.03
CA SER C 171 -50.73 -4.71 23.20
C SER C 171 -51.65 -5.59 24.04
N PHE C 172 -52.75 -6.05 23.43
CA PHE C 172 -53.74 -6.84 24.15
C PHE C 172 -54.28 -7.99 23.31
N THR C 173 -53.58 -8.39 22.25
CA THR C 173 -54.09 -9.41 21.35
C THR C 173 -54.25 -10.76 22.03
N ASN C 174 -53.14 -11.37 22.43
CA ASN C 174 -53.16 -12.70 23.06
C ASN C 174 -51.75 -12.99 23.58
N LYS C 175 -51.62 -14.15 24.24
CA LYS C 175 -50.38 -14.71 24.75
C LYS C 175 -49.78 -13.90 25.89
N TYR C 176 -50.38 -12.76 26.26
CA TYR C 176 -49.87 -11.92 27.32
C TYR C 176 -51.03 -11.12 27.90
N GLY C 177 -50.96 -10.87 29.20
CA GLY C 177 -51.97 -10.05 29.84
C GLY C 177 -51.87 -8.60 29.44
N THR C 178 -50.79 -7.94 29.87
CA THR C 178 -50.52 -6.56 29.50
C THR C 178 -49.02 -6.39 29.31
N LYS C 179 -48.62 -5.86 28.16
CA LYS C 179 -47.21 -5.62 27.86
C LYS C 179 -47.06 -4.22 27.29
N THR C 180 -46.12 -3.45 27.84
CA THR C 180 -45.85 -2.09 27.38
C THR C 180 -44.45 -2.05 26.77
N VAL C 181 -44.36 -1.50 25.57
CA VAL C 181 -43.10 -1.39 24.84
C VAL C 181 -42.85 0.10 24.58
N PRO C 182 -41.63 0.59 24.80
CA PRO C 182 -41.36 2.00 24.52
C PRO C 182 -41.52 2.31 23.03
N MET C 183 -41.95 3.54 22.75
CA MET C 183 -42.20 4.00 21.40
C MET C 183 -41.54 5.36 21.23
N MET C 184 -41.32 5.74 19.97
CA MET C 184 -40.86 7.09 19.67
C MET C 184 -41.47 7.54 18.35
N ASN C 185 -41.46 8.85 18.15
CA ASN C 185 -42.02 9.48 16.95
C ASN C 185 -41.06 10.55 16.46
N VAL C 186 -40.75 10.52 15.17
CA VAL C 186 -39.88 11.52 14.53
C VAL C 186 -40.48 11.93 13.20
N VAL C 187 -40.39 13.23 12.89
CA VAL C 187 -40.82 13.76 11.61
C VAL C 187 -39.57 14.08 10.80
N THR C 188 -39.45 13.47 9.63
CA THR C 188 -38.27 13.68 8.80
C THR C 188 -38.58 13.25 7.38
N LYS C 189 -37.71 13.64 6.46
CA LYS C 189 -37.85 13.28 5.05
C LYS C 189 -37.19 11.92 4.83
N LEU C 190 -37.98 10.94 4.37
CA LEU C 190 -37.46 9.60 4.16
C LEU C 190 -38.12 9.01 2.92
N GLN C 191 -37.52 7.94 2.42
CA GLN C 191 -38.02 7.24 1.24
C GLN C 191 -38.88 6.07 1.71
N GLY C 192 -40.20 6.22 1.56
CA GLY C 192 -41.13 5.17 1.94
C GLY C 192 -42.43 5.22 1.17
N ASN C 193 -42.85 4.07 0.64
CA ASN C 193 -44.04 4.01 -0.18
C ASN C 193 -45.02 2.93 0.24
N THR C 194 -46.07 2.75 -0.56
CA THR C 194 -47.12 1.75 -0.37
C THR C 194 -47.12 0.83 -1.58
N ILE C 195 -46.48 -0.32 -1.47
CA ILE C 195 -46.34 -1.24 -2.59
C ILE C 195 -47.09 -2.53 -2.28
N THR C 196 -47.46 -3.24 -3.34
CA THR C 196 -48.15 -4.51 -3.24
C THR C 196 -47.22 -5.62 -3.73
N ILE C 197 -47.03 -6.64 -2.89
CA ILE C 197 -46.22 -7.78 -3.29
C ILE C 197 -47.02 -8.72 -4.18
N ASP C 198 -48.19 -9.17 -3.70
CA ASP C 198 -49.12 -9.94 -4.51
C ASP C 198 -50.51 -9.66 -3.96
N ASP C 199 -51.22 -8.73 -4.62
CA ASP C 199 -52.49 -8.17 -4.16
C ASP C 199 -52.55 -8.06 -2.63
N GLU C 200 -51.51 -7.49 -2.03
CA GLU C 200 -51.49 -7.25 -0.59
C GLU C 200 -50.74 -5.96 -0.33
N GLU C 201 -51.41 -4.99 0.28
CA GLU C 201 -50.79 -3.69 0.55
C GLU C 201 -49.70 -3.82 1.59
N TYR C 202 -48.66 -3.00 1.46
CA TYR C 202 -47.56 -3.00 2.41
C TYR C 202 -46.92 -1.63 2.41
N ASP C 203 -46.78 -1.02 3.60
CA ASP C 203 -46.08 0.25 3.75
C ASP C 203 -44.62 -0.06 4.08
N MET C 204 -43.71 0.34 3.20
CA MET C 204 -42.30 0.03 3.40
C MET C 204 -41.46 1.30 3.29
N VAL C 205 -40.59 1.50 4.28
CA VAL C 205 -39.80 2.71 4.44
C VAL C 205 -38.35 2.31 4.67
N ARG C 206 -37.42 3.09 4.11
CA ARG C 206 -36.00 2.84 4.25
C ARG C 206 -35.38 3.83 5.23
N LEU C 207 -34.68 3.30 6.24
CA LEU C 207 -33.95 4.10 7.20
C LEU C 207 -32.45 3.98 6.93
N PRO C 208 -31.74 5.07 6.65
CA PRO C 208 -30.32 4.98 6.30
C PRO C 208 -29.40 5.16 7.50
N TYR C 209 -28.17 4.68 7.33
CA TYR C 209 -27.12 4.83 8.32
C TYR C 209 -26.11 5.88 7.86
N LYS C 210 -25.59 6.63 8.82
CA LYS C 210 -24.68 7.72 8.50
C LYS C 210 -23.35 7.19 7.98
N ASP C 211 -22.89 7.75 6.87
CA ASP C 211 -21.60 7.42 6.27
C ASP C 211 -21.52 5.91 6.05
N ALA C 212 -22.43 5.40 5.23
CA ALA C 212 -22.55 3.98 4.98
C ALA C 212 -23.53 3.76 3.84
N ASN C 213 -23.21 2.81 2.97
CA ASN C 213 -24.14 2.38 1.93
C ASN C 213 -24.88 1.12 2.38
N ILE C 214 -25.50 1.27 3.55
CA ILE C 214 -26.32 0.24 4.19
C ILE C 214 -27.63 0.88 4.60
N SER C 215 -28.68 0.08 4.65
CA SER C 215 -30.00 0.59 4.98
C SER C 215 -30.79 -0.47 5.73
N MET C 216 -31.82 -0.02 6.45
CA MET C 216 -32.75 -0.91 7.13
C MET C 216 -34.14 -0.66 6.55
N TYR C 217 -34.72 -1.68 5.93
CA TYR C 217 -36.01 -1.58 5.27
C TYR C 217 -37.08 -2.17 6.18
N LEU C 218 -38.11 -1.38 6.47
CA LEU C 218 -39.20 -1.78 7.34
C LEU C 218 -40.47 -1.90 6.52
N ALA C 219 -41.14 -3.04 6.66
CA ALA C 219 -42.40 -3.29 5.97
C ALA C 219 -43.48 -3.62 6.99
N ILE C 220 -44.62 -2.95 6.87
CA ILE C 220 -45.77 -3.16 7.74
C ILE C 220 -46.97 -3.53 6.88
N GLY C 221 -47.70 -4.56 7.31
CA GLY C 221 -48.88 -5.02 6.61
C GLY C 221 -49.68 -5.94 7.51
N ASP C 222 -50.72 -6.55 6.92
CA ASP C 222 -51.61 -7.40 7.71
C ASP C 222 -51.07 -8.82 7.85
N ASN C 223 -50.90 -9.54 6.74
CA ASN C 223 -50.43 -10.91 6.74
C ASN C 223 -49.01 -10.91 6.20
N MET C 224 -48.03 -10.97 7.10
CA MET C 224 -46.63 -10.80 6.75
C MET C 224 -45.84 -12.10 6.79
N THR C 225 -46.47 -13.23 7.10
CA THR C 225 -45.89 -14.50 6.70
C THR C 225 -45.82 -14.59 5.17
N HIS C 226 -46.82 -14.00 4.50
CA HIS C 226 -46.74 -13.82 3.06
C HIS C 226 -45.53 -12.97 2.68
N PHE C 227 -45.29 -11.88 3.40
CA PHE C 227 -44.14 -11.03 3.12
C PHE C 227 -42.83 -11.79 3.31
N THR C 228 -42.74 -12.57 4.39
CA THR C 228 -41.55 -13.38 4.61
C THR C 228 -41.34 -14.39 3.48
N ASP C 229 -42.42 -15.06 3.06
CA ASP C 229 -42.31 -16.03 1.98
C ASP C 229 -42.00 -15.38 0.64
N SER C 230 -42.27 -14.08 0.49
CA SER C 230 -42.02 -13.37 -0.76
C SER C 230 -40.76 -12.51 -0.72
N ILE C 231 -39.74 -12.95 -0.01
CA ILE C 231 -38.49 -12.20 0.10
C ILE C 231 -37.47 -12.81 -0.85
N THR C 232 -36.98 -11.99 -1.79
CA THR C 232 -35.81 -12.33 -2.58
C THR C 232 -34.94 -11.08 -2.67
N ALA C 233 -33.71 -11.25 -3.16
CA ALA C 233 -32.86 -10.10 -3.42
C ALA C 233 -33.48 -9.20 -4.48
N ALA C 234 -34.05 -9.79 -5.52
CA ALA C 234 -34.71 -9.02 -6.56
C ALA C 234 -35.90 -8.24 -6.03
N LYS C 235 -36.73 -8.88 -5.20
CA LYS C 235 -37.89 -8.21 -4.66
C LYS C 235 -37.48 -7.03 -3.79
N LEU C 236 -36.45 -7.21 -2.97
CA LEU C 236 -35.98 -6.11 -2.13
C LEU C 236 -35.39 -4.98 -2.97
N ASP C 237 -34.67 -5.32 -4.04
CA ASP C 237 -34.15 -4.29 -4.93
C ASP C 237 -35.29 -3.52 -5.59
N TYR C 238 -36.33 -4.23 -6.04
CA TYR C 238 -37.48 -3.57 -6.64
C TYR C 238 -38.17 -2.65 -5.65
N TRP C 239 -38.32 -3.11 -4.40
CA TRP C 239 -38.96 -2.29 -3.38
C TRP C 239 -38.15 -1.05 -3.08
N SER C 240 -36.82 -1.19 -2.99
CA SER C 240 -35.95 -0.03 -2.80
C SER C 240 -36.07 0.94 -3.96
N PHE C 241 -36.18 0.41 -5.18
CA PHE C 241 -36.34 1.23 -6.37
C PHE C 241 -37.65 2.02 -6.33
N GLN C 242 -38.75 1.37 -5.93
CA GLN C 242 -40.05 2.01 -5.95
C GLN C 242 -40.24 2.99 -4.80
N LEU C 243 -39.66 2.69 -3.64
CA LEU C 243 -39.84 3.53 -2.46
C LEU C 243 -39.14 4.87 -2.65
N GLY C 244 -39.92 5.96 -2.61
CA GLY C 244 -39.44 7.28 -2.92
C GLY C 244 -39.61 8.24 -1.75
N ASN C 245 -39.04 9.44 -1.92
CA ASN C 245 -38.87 10.39 -0.84
C ASN C 245 -40.12 11.21 -0.60
N LYS C 246 -40.43 11.41 0.68
CA LYS C 246 -41.54 12.26 1.13
C LYS C 246 -41.36 12.49 2.63
N VAL C 247 -42.15 13.41 3.16
CA VAL C 247 -42.12 13.71 4.59
C VAL C 247 -42.91 12.64 5.34
N TYR C 248 -42.29 12.06 6.37
CA TYR C 248 -42.89 10.98 7.12
C TYR C 248 -42.86 11.31 8.61
N ASN C 249 -43.92 10.87 9.29
CA ASN C 249 -44.04 10.93 10.75
C ASN C 249 -43.95 9.49 11.23
N LEU C 250 -42.73 9.01 11.44
CA LEU C 250 -42.49 7.62 11.74
C LEU C 250 -42.49 7.37 13.25
N LYS C 251 -43.23 6.33 13.65
CA LYS C 251 -43.27 5.87 15.03
C LYS C 251 -42.67 4.47 15.08
N LEU C 252 -41.68 4.29 15.95
CA LEU C 252 -40.95 3.04 15.99
C LEU C 252 -40.65 2.62 17.42
N PRO C 253 -40.55 1.32 17.68
CA PRO C 253 -40.20 0.83 19.02
C PRO C 253 -38.71 0.58 19.19
N LYS C 254 -38.26 0.72 20.44
CA LYS C 254 -36.88 0.43 20.82
C LYS C 254 -36.79 -1.01 21.29
N PHE C 255 -36.84 -1.93 20.32
CA PHE C 255 -36.95 -3.35 20.61
C PHE C 255 -35.59 -4.02 20.64
N SER C 256 -35.49 -5.10 21.42
CA SER C 256 -34.28 -5.91 21.53
C SER C 256 -34.68 -7.37 21.54
N ILE C 257 -34.14 -8.15 20.61
CA ILE C 257 -34.54 -9.54 20.42
C ILE C 257 -33.30 -10.43 20.44
N GLU C 258 -33.43 -11.58 21.08
CA GLU C 258 -32.39 -12.62 21.09
C GLU C 258 -32.97 -13.91 20.53
N ASN C 259 -32.16 -14.64 19.78
CA ASN C 259 -32.65 -15.81 19.06
C ASN C 259 -31.58 -16.88 18.99
N LYS C 260 -32.01 -18.14 19.09
CA LYS C 260 -31.14 -19.29 18.84
C LYS C 260 -31.92 -20.28 17.98
N ARG C 261 -31.27 -20.78 16.94
CA ARG C 261 -31.99 -21.54 15.91
C ARG C 261 -31.18 -22.75 15.47
N ASP C 262 -31.89 -23.87 15.28
CA ASP C 262 -31.34 -25.08 14.71
C ASP C 262 -31.51 -24.99 13.19
N ILE C 263 -30.40 -25.09 12.47
CA ILE C 263 -30.38 -24.94 11.02
C ILE C 263 -30.22 -26.28 10.31
N LYS C 264 -30.19 -27.38 11.06
CA LYS C 264 -29.74 -28.66 10.50
C LYS C 264 -30.54 -29.05 9.26
N SER C 265 -31.86 -29.07 9.36
CA SER C 265 -32.68 -29.46 8.21
C SER C 265 -32.58 -28.44 7.09
N ILE C 266 -32.80 -27.17 7.43
CA ILE C 266 -32.89 -26.10 6.44
C ILE C 266 -31.54 -25.80 5.80
N ALA C 267 -30.46 -26.28 6.41
CA ALA C 267 -29.16 -26.33 5.76
C ALA C 267 -28.82 -27.73 5.27
N GLU C 268 -29.77 -28.66 5.39
CA GLU C 268 -29.51 -30.06 5.08
C GLU C 268 -30.13 -30.54 3.78
N MET C 269 -31.27 -29.97 3.34
CA MET C 269 -31.90 -30.56 2.16
C MET C 269 -30.98 -30.49 0.95
N MET C 270 -30.34 -29.34 0.74
CA MET C 270 -29.53 -29.12 -0.46
C MET C 270 -28.13 -29.71 -0.36
N ALA C 271 -27.67 -30.05 0.85
CA ALA C 271 -26.35 -30.64 1.05
C ALA C 271 -26.48 -31.88 1.93
N PRO C 272 -27.08 -32.96 1.41
CA PRO C 272 -27.22 -34.17 2.21
C PRO C 272 -25.88 -34.82 2.56
N SER C 273 -24.88 -34.70 1.68
CA SER C 273 -23.61 -35.38 1.91
C SER C 273 -22.73 -34.65 2.92
N MET C 274 -23.04 -33.39 3.24
CA MET C 274 -22.20 -32.64 4.16
C MET C 274 -22.40 -33.08 5.61
N PHE C 275 -23.50 -33.78 5.90
CA PHE C 275 -23.78 -34.27 7.24
C PHE C 275 -23.76 -35.78 7.35
N ASN C 276 -23.81 -36.51 6.24
CA ASN C 276 -23.79 -37.96 6.27
C ASN C 276 -22.37 -38.45 6.49
N PRO C 277 -22.11 -39.28 7.51
CA PRO C 277 -20.75 -39.81 7.69
C PRO C 277 -20.28 -40.71 6.57
N ASP C 278 -21.20 -41.24 5.75
CA ASP C 278 -20.84 -42.15 4.67
C ASP C 278 -20.66 -41.46 3.33
N ASN C 279 -20.84 -40.14 3.27
CA ASN C 279 -20.67 -39.42 2.01
C ASN C 279 -19.93 -38.10 2.14
N ALA C 280 -19.48 -37.72 3.33
CA ALA C 280 -18.76 -36.46 3.53
C ALA C 280 -17.34 -36.64 3.03
N SER C 281 -17.11 -36.29 1.76
CA SER C 281 -15.80 -36.46 1.14
C SER C 281 -15.06 -35.12 1.25
N PHE C 282 -14.50 -34.87 2.43
CA PHE C 282 -13.73 -33.65 2.67
C PHE C 282 -12.25 -34.00 2.53
N LYS C 283 -11.83 -34.19 1.28
CA LYS C 283 -10.48 -34.68 1.00
C LYS C 283 -9.44 -33.58 0.92
N HIS C 284 -9.83 -32.36 0.54
CA HIS C 284 -8.88 -31.26 0.51
C HIS C 284 -8.38 -30.88 1.90
N MET C 285 -9.11 -31.27 2.95
CA MET C 285 -8.66 -31.04 4.32
C MET C 285 -7.90 -32.25 4.86
N THR C 286 -8.52 -33.43 4.82
CA THR C 286 -7.90 -34.64 5.34
C THR C 286 -8.37 -35.85 4.56
N ARG C 287 -7.57 -36.91 4.59
CA ARG C 287 -7.94 -38.16 3.94
C ARG C 287 -8.97 -38.95 4.74
N ASP C 288 -8.97 -38.81 6.06
CA ASP C 288 -9.87 -39.59 6.89
C ASP C 288 -11.32 -39.14 6.69
N PRO C 289 -12.30 -40.03 6.93
CA PRO C 289 -13.70 -39.64 6.77
C PRO C 289 -14.17 -38.75 7.92
N LEU C 290 -14.32 -37.46 7.63
CA LEU C 290 -14.78 -36.48 8.60
C LEU C 290 -16.09 -35.88 8.11
N TYR C 291 -17.07 -35.80 9.00
CA TYR C 291 -18.40 -35.31 8.65
C TYR C 291 -18.86 -34.30 9.70
N ILE C 292 -19.97 -33.63 9.38
CA ILE C 292 -20.50 -32.53 10.19
C ILE C 292 -21.81 -33.00 10.80
N TYR C 293 -21.97 -32.78 12.11
CA TYR C 293 -23.11 -33.29 12.85
C TYR C 293 -24.30 -32.33 12.83
N LYS C 294 -24.11 -31.12 13.35
CA LYS C 294 -25.20 -30.17 13.51
C LYS C 294 -24.64 -28.76 13.43
N MET C 295 -25.55 -27.80 13.21
CA MET C 295 -25.18 -26.39 13.19
C MET C 295 -26.26 -25.57 13.89
N PHE C 296 -25.83 -24.47 14.50
CA PHE C 296 -26.70 -23.63 15.32
C PHE C 296 -26.36 -22.16 15.10
N GLN C 297 -27.38 -21.31 15.09
CA GLN C 297 -27.20 -19.87 14.91
C GLN C 297 -27.69 -19.11 16.12
N ASN C 298 -26.87 -18.20 16.63
CA ASN C 298 -27.24 -17.32 17.72
C ASN C 298 -27.23 -15.89 17.21
N ALA C 299 -28.32 -15.17 17.43
CA ALA C 299 -28.48 -13.81 16.91
C ALA C 299 -28.98 -12.87 17.98
N LYS C 300 -28.46 -11.65 17.98
CA LYS C 300 -28.91 -10.58 18.86
C LYS C 300 -29.04 -9.32 18.04
N ILE C 301 -30.12 -8.56 18.27
CA ILE C 301 -30.34 -7.30 17.57
C ILE C 301 -30.87 -6.27 18.57
N ASP C 302 -30.31 -5.06 18.51
CA ASP C 302 -30.75 -3.94 19.33
C ASP C 302 -30.93 -2.72 18.42
N VAL C 303 -32.12 -2.13 18.48
CA VAL C 303 -32.42 -0.90 17.75
C VAL C 303 -32.69 0.19 18.77
N ASP C 304 -31.89 1.25 18.73
CA ASP C 304 -31.97 2.33 19.70
C ASP C 304 -32.31 3.64 18.99
N GLU C 305 -32.26 4.73 19.73
CA GLU C 305 -32.54 6.05 19.19
C GLU C 305 -31.33 6.66 18.49
N GLN C 306 -30.18 5.99 18.51
CA GLN C 306 -28.99 6.45 17.82
C GLN C 306 -28.52 5.51 16.72
N GLY C 307 -28.84 4.22 16.82
CA GLY C 307 -28.38 3.29 15.81
C GLY C 307 -28.78 1.87 16.15
N THR C 308 -28.21 0.93 15.40
CA THR C 308 -28.47 -0.49 15.53
C THR C 308 -27.18 -1.24 15.81
N VAL C 309 -27.27 -2.21 16.73
CA VAL C 309 -26.16 -3.10 17.05
C VAL C 309 -26.64 -4.53 16.88
N ALA C 310 -26.02 -5.27 15.96
CA ALA C 310 -26.42 -6.63 15.64
C ALA C 310 -25.23 -7.56 15.73
N GLU C 311 -25.47 -8.76 16.26
CA GLU C 311 -24.44 -9.77 16.40
C GLU C 311 -25.00 -11.12 15.98
N ALA C 312 -24.15 -11.94 15.35
CA ALA C 312 -24.56 -13.26 14.89
C ALA C 312 -23.38 -14.21 14.99
N SER C 313 -23.68 -15.47 15.31
CA SER C 313 -22.67 -16.52 15.41
C SER C 313 -23.24 -17.80 14.86
N THR C 314 -22.59 -18.35 13.83
CA THR C 314 -22.96 -19.61 13.21
C THR C 314 -21.94 -20.67 13.62
N ILE C 315 -22.42 -21.78 14.17
CA ILE C 315 -21.55 -22.78 14.79
C ILE C 315 -21.82 -24.13 14.15
N MET C 316 -20.75 -24.82 13.76
CA MET C 316 -20.80 -26.19 13.25
C MET C 316 -20.17 -27.08 14.31
N VAL C 317 -21.00 -27.85 15.00
CA VAL C 317 -20.64 -28.62 16.19
C VAL C 317 -21.40 -29.94 16.17
N ALA C 318 -21.25 -30.71 17.25
CA ALA C 318 -21.88 -32.03 17.32
C ALA C 318 -23.37 -31.91 17.63
N THR C 319 -23.70 -31.42 18.82
CA THR C 319 -25.09 -31.27 19.27
C THR C 319 -25.15 -30.03 20.16
N ALA C 320 -26.36 -29.61 20.52
CA ALA C 320 -26.52 -28.45 21.38
C ALA C 320 -27.92 -28.50 22.00
N ARG C 321 -28.31 -27.43 22.68
CA ARG C 321 -29.61 -27.34 23.32
C ARG C 321 -30.68 -26.91 22.32
N SER C 322 -31.92 -26.87 22.80
CA SER C 322 -33.07 -26.50 21.98
C SER C 322 -33.59 -25.13 22.40
N SER C 323 -34.46 -24.58 21.56
CA SER C 323 -35.06 -23.27 21.78
C SER C 323 -36.57 -23.35 21.58
N PRO C 324 -37.33 -22.46 22.23
CA PRO C 324 -38.78 -22.47 22.04
C PRO C 324 -39.16 -22.18 20.59
N GLU C 325 -40.26 -22.79 20.15
CA GLU C 325 -40.70 -22.71 18.77
C GLU C 325 -42.05 -22.03 18.60
N LYS C 326 -42.73 -21.66 19.69
CA LYS C 326 -44.07 -21.07 19.62
C LYS C 326 -44.09 -19.81 20.46
N LEU C 327 -43.69 -18.69 19.87
CA LEU C 327 -43.76 -17.36 20.50
C LEU C 327 -44.63 -16.50 19.58
N GLU C 328 -45.94 -16.57 19.79
CA GLU C 328 -46.88 -15.88 18.91
C GLU C 328 -46.99 -14.40 19.27
N PHE C 329 -46.99 -13.55 18.24
CA PHE C 329 -47.17 -12.11 18.40
C PHE C 329 -48.00 -11.59 17.23
N ASN C 330 -48.68 -10.46 17.47
CA ASN C 330 -49.52 -9.84 16.46
C ASN C 330 -48.96 -8.48 16.09
N THR C 331 -49.55 -7.90 15.03
CA THR C 331 -49.18 -6.64 14.36
C THR C 331 -47.68 -6.37 14.40
N PRO C 332 -46.86 -7.23 13.77
CA PRO C 332 -45.42 -6.97 13.71
C PRO C 332 -45.01 -6.19 12.46
N PHE C 333 -43.72 -5.92 12.31
CA PHE C 333 -43.17 -5.39 11.06
C PHE C 333 -41.85 -6.08 10.75
N VAL C 334 -41.61 -6.30 9.45
CA VAL C 334 -40.41 -7.00 8.99
C VAL C 334 -39.31 -5.99 8.79
N PHE C 335 -38.12 -6.29 9.33
CA PHE C 335 -36.93 -5.48 9.09
C PHE C 335 -35.93 -6.28 8.26
N ILE C 336 -35.24 -5.58 7.35
CA ILE C 336 -34.15 -6.19 6.57
C ILE C 336 -32.98 -5.21 6.54
N ILE C 337 -31.80 -5.69 6.93
CA ILE C 337 -30.58 -4.89 6.85
C ILE C 337 -29.86 -5.28 5.57
N ARG C 338 -29.68 -4.31 4.66
CA ARG C 338 -29.13 -4.59 3.35
C ARG C 338 -28.11 -3.54 2.96
N HIS C 339 -26.96 -3.99 2.45
CA HIS C 339 -25.99 -3.10 1.84
C HIS C 339 -26.39 -2.87 0.39
N ASP C 340 -26.59 -1.59 0.03
CA ASP C 340 -27.16 -1.28 -1.29
C ASP C 340 -26.22 -1.70 -2.42
N ILE C 341 -24.92 -1.47 -2.27
CA ILE C 341 -23.99 -1.73 -3.37
C ILE C 341 -23.76 -3.23 -3.54
N THR C 342 -23.30 -3.89 -2.48
CA THR C 342 -22.95 -5.31 -2.58
C THR C 342 -24.18 -6.20 -2.72
N GLY C 343 -25.35 -5.75 -2.27
CA GLY C 343 -26.53 -6.56 -2.30
C GLY C 343 -26.64 -7.57 -1.18
N PHE C 344 -25.69 -7.58 -0.25
CA PHE C 344 -25.75 -8.51 0.87
C PHE C 344 -26.91 -8.18 1.79
N ILE C 345 -27.47 -9.21 2.41
CA ILE C 345 -28.49 -9.07 3.43
C ILE C 345 -27.92 -9.63 4.73
N LEU C 346 -27.80 -8.77 5.74
CA LEU C 346 -27.10 -9.12 6.97
C LEU C 346 -28.02 -9.64 8.06
N PHE C 347 -29.19 -9.02 8.26
CA PHE C 347 -30.10 -9.43 9.31
C PHE C 347 -31.53 -9.14 8.88
N MET C 348 -32.44 -10.06 9.22
CA MET C 348 -33.85 -9.86 8.94
C MET C 348 -34.68 -10.63 9.95
N GLY C 349 -35.92 -10.19 10.14
CA GLY C 349 -36.78 -10.83 11.11
C GLY C 349 -38.04 -10.03 11.36
N LYS C 350 -38.66 -10.30 12.51
CA LYS C 350 -39.93 -9.69 12.88
C LYS C 350 -39.85 -9.19 14.32
N VAL C 351 -40.78 -8.29 14.66
CA VAL C 351 -40.83 -7.65 15.96
C VAL C 351 -42.19 -7.98 16.58
N GLU C 352 -42.46 -7.43 17.77
CA GLU C 352 -43.69 -7.69 18.50
C GLU C 352 -44.44 -6.44 18.93
N SER C 353 -43.80 -5.27 18.91
CA SER C 353 -44.36 -4.13 19.64
C SER C 353 -45.58 -3.52 18.96
N PRO C 354 -45.51 -3.02 17.71
CA PRO C 354 -46.62 -2.20 17.20
C PRO C 354 -47.95 -2.94 17.06
N THR D 3 19.09 -19.11 2.12
CA THR D 3 18.00 -18.14 2.07
C THR D 3 18.11 -17.27 0.82
N PRO D 4 17.60 -17.78 -0.31
CA PRO D 4 17.64 -17.00 -1.55
C PRO D 4 16.80 -15.73 -1.50
N PHE D 5 15.85 -15.63 -0.58
CA PHE D 5 15.01 -14.45 -0.51
C PHE D 5 15.83 -13.23 -0.12
N PRO D 6 15.56 -12.07 -0.71
CA PRO D 6 16.34 -10.87 -0.39
C PRO D 6 16.12 -10.43 1.05
N GLN D 7 17.14 -9.79 1.61
CA GLN D 7 17.09 -9.23 2.96
C GLN D 7 17.25 -7.71 2.84
N THR D 8 16.13 -7.00 2.88
CA THR D 8 16.14 -5.55 2.74
C THR D 8 16.24 -4.89 4.10
N SER D 9 17.02 -3.81 4.16
CA SER D 9 17.23 -3.06 5.40
C SER D 9 16.95 -1.59 5.14
N LYS D 10 16.25 -0.96 6.08
CA LYS D 10 15.90 0.46 5.99
C LYS D 10 16.02 1.09 7.36
N LYS D 11 15.83 2.40 7.40
CA LYS D 11 15.91 3.17 8.63
C LYS D 11 14.51 3.55 9.11
N ILE D 12 14.43 3.91 10.39
CA ILE D 12 13.15 4.27 10.99
C ILE D 12 12.60 5.51 10.31
N GLY D 13 11.33 5.45 9.89
CA GLY D 13 10.64 6.56 9.28
C GLY D 13 10.60 6.53 7.77
N ASP D 14 11.46 5.72 7.13
CA ASP D 14 11.48 5.61 5.68
C ASP D 14 10.47 4.57 5.23
N ASP D 15 9.71 4.92 4.19
CA ASP D 15 8.66 4.03 3.70
C ASP D 15 9.29 2.81 3.03
N ALA D 16 9.28 1.69 3.73
CA ALA D 16 9.86 0.46 3.19
C ALA D 16 8.88 -0.17 2.20
N THR D 17 9.39 -0.52 1.02
CA THR D 17 8.58 -1.10 -0.04
C THR D 17 8.96 -2.57 -0.19
N LEU D 18 7.97 -3.45 -0.10
CA LEU D 18 8.16 -4.89 -0.25
C LEU D 18 7.25 -5.38 -1.36
N SER D 19 7.82 -6.07 -2.35
CA SER D 19 7.08 -6.49 -3.51
C SER D 19 7.40 -7.94 -3.86
N CYS D 20 6.44 -8.57 -4.54
CA CYS D 20 6.56 -9.95 -5.00
C CYS D 20 6.06 -10.03 -6.44
N ASN D 21 6.73 -10.86 -7.23
CA ASN D 21 6.29 -11.19 -8.58
C ASN D 21 5.90 -12.65 -8.63
N ARG D 22 4.68 -12.92 -9.09
CA ARG D 22 4.20 -14.29 -9.16
C ARG D 22 4.85 -15.03 -10.33
N ASN D 23 5.28 -16.26 -10.07
CA ASN D 23 5.93 -17.05 -11.11
C ASN D 23 4.93 -17.47 -12.19
N ASN D 24 3.69 -17.76 -11.80
CA ASN D 24 2.66 -18.23 -12.73
C ASN D 24 1.75 -17.05 -13.06
N THR D 25 2.12 -16.32 -14.11
CA THR D 25 1.35 -15.15 -14.54
C THR D 25 0.13 -15.51 -15.37
N ASN D 26 0.03 -16.74 -15.87
CA ASN D 26 -1.06 -17.10 -16.76
C ASN D 26 -2.38 -17.29 -16.02
N ASP D 27 -2.33 -17.73 -14.76
CA ASP D 27 -3.53 -18.09 -14.03
C ASP D 27 -4.15 -16.85 -13.37
N TYR D 28 -5.48 -16.85 -13.32
CA TYR D 28 -6.21 -15.73 -12.74
C TYR D 28 -5.87 -15.58 -11.26
N VAL D 29 -5.57 -14.36 -10.85
CA VAL D 29 -5.23 -14.07 -9.46
C VAL D 29 -6.52 -13.80 -8.70
N VAL D 30 -6.77 -14.61 -7.67
CA VAL D 30 -7.94 -14.39 -6.83
C VAL D 30 -7.56 -13.72 -5.51
N MET D 31 -6.31 -13.86 -5.07
CA MET D 31 -6.02 -13.43 -3.72
C MET D 31 -4.56 -13.02 -3.59
N SER D 32 -4.33 -11.83 -3.03
CA SER D 32 -3.01 -11.39 -2.61
C SER D 32 -3.04 -11.22 -1.10
N ALA D 33 -1.97 -11.64 -0.43
CA ALA D 33 -1.99 -11.64 1.01
C ALA D 33 -0.64 -11.19 1.55
N TRP D 34 -0.68 -10.44 2.64
CA TRP D 34 0.54 -10.04 3.33
C TRP D 34 0.39 -10.36 4.81
N TYR D 35 1.22 -11.26 5.31
CA TYR D 35 1.24 -11.64 6.71
C TYR D 35 2.60 -11.33 7.32
N LYS D 36 2.64 -11.32 8.64
CA LYS D 36 3.87 -11.34 9.40
C LYS D 36 3.93 -12.65 10.17
N GLU D 37 5.09 -13.31 10.12
CA GLU D 37 5.21 -14.61 10.75
C GLU D 37 5.02 -14.48 12.26
N PRO D 38 4.51 -15.52 12.93
CA PRO D 38 4.11 -16.83 12.38
C PRO D 38 2.67 -16.89 11.88
N ASN D 39 1.72 -16.20 12.51
CA ASN D 39 0.31 -16.36 12.19
C ASN D 39 -0.40 -15.07 11.80
N SER D 40 0.07 -13.92 12.26
CA SER D 40 -0.68 -12.67 12.07
C SER D 40 -0.80 -12.33 10.60
N ILE D 41 -1.97 -11.82 10.22
CA ILE D 41 -2.26 -11.41 8.85
C ILE D 41 -2.28 -9.89 8.82
N ILE D 42 -1.44 -9.30 7.96
CA ILE D 42 -1.35 -7.84 7.89
C ILE D 42 -2.46 -7.27 7.03
N LEU D 43 -2.56 -7.74 5.78
CA LEU D 43 -3.59 -7.21 4.90
C LEU D 43 -3.93 -8.23 3.82
N LEU D 44 -5.10 -8.02 3.22
CA LEU D 44 -5.62 -8.90 2.18
C LEU D 44 -6.03 -8.04 0.99
N ALA D 45 -5.87 -8.57 -0.22
CA ALA D 45 -6.09 -7.78 -1.42
C ALA D 45 -6.82 -8.60 -2.47
N ALA D 46 -7.89 -8.02 -3.02
CA ALA D 46 -8.63 -8.59 -4.15
C ALA D 46 -8.81 -7.48 -5.16
N LYS D 47 -8.11 -7.57 -6.28
CA LYS D 47 -8.07 -6.50 -7.29
C LYS D 47 -7.70 -5.17 -6.64
N SER D 48 -8.61 -4.20 -6.73
CA SER D 48 -8.36 -2.87 -6.18
C SER D 48 -8.84 -2.71 -4.74
N ASP D 49 -9.51 -3.72 -4.18
CA ASP D 49 -10.06 -3.63 -2.83
C ASP D 49 -9.14 -4.31 -1.83
N VAL D 50 -9.09 -3.72 -0.63
CA VAL D 50 -8.14 -4.15 0.41
C VAL D 50 -8.90 -4.34 1.71
N LEU D 51 -8.68 -5.48 2.35
CA LEU D 51 -9.26 -5.81 3.65
C LEU D 51 -8.16 -5.80 4.70
N TYR D 52 -8.47 -5.27 5.87
CA TYR D 52 -7.50 -5.13 6.95
C TYR D 52 -7.90 -6.01 8.12
N PHE D 53 -6.95 -6.82 8.59
CA PHE D 53 -7.13 -7.68 9.75
C PHE D 53 -6.34 -7.12 10.93
N ASP D 54 -6.54 -7.75 12.09
CA ASP D 54 -5.84 -7.43 13.33
C ASP D 54 -5.97 -5.94 13.59
N ASN D 55 -4.90 -5.22 13.88
CA ASN D 55 -4.92 -3.77 14.04
C ASN D 55 -4.01 -3.18 12.97
N TYR D 56 -4.57 -2.98 11.77
CA TYR D 56 -3.82 -2.43 10.65
C TYR D 56 -4.78 -1.59 9.82
N THR D 57 -4.29 -0.44 9.36
CA THR D 57 -5.09 0.47 8.55
C THR D 57 -4.25 0.98 7.39
N LYS D 58 -4.91 1.68 6.46
CA LYS D 58 -4.20 2.30 5.36
C LYS D 58 -3.24 3.39 5.82
N ASP D 59 -3.45 3.94 7.01
CA ASP D 59 -2.55 4.96 7.54
C ASP D 59 -1.17 4.38 7.84
N LYS D 60 -1.13 3.15 8.35
CA LYS D 60 0.15 2.56 8.73
C LYS D 60 0.82 1.87 7.54
N ILE D 61 0.16 0.89 6.94
CA ILE D 61 0.67 0.15 5.80
C ILE D 61 -0.31 0.29 4.65
N SER D 62 0.19 0.68 3.49
CA SER D 62 -0.64 0.98 2.33
C SER D 62 -0.55 -0.14 1.31
N TYR D 63 -1.21 0.07 0.17
CA TYR D 63 -1.27 -0.90 -0.93
C TYR D 63 -1.19 -0.10 -2.23
N ASP D 64 0.03 0.04 -2.76
CA ASP D 64 0.26 0.83 -3.96
C ASP D 64 0.43 -0.02 -5.20
N SER D 65 -0.27 -1.16 -5.28
CA SER D 65 -0.34 -1.95 -6.51
C SER D 65 -1.79 -2.32 -6.81
N PRO D 66 -2.65 -1.32 -7.06
CA PRO D 66 -4.05 -1.64 -7.39
C PRO D 66 -4.27 -1.96 -8.85
N TYR D 67 -3.45 -1.45 -9.75
CA TYR D 67 -3.61 -1.67 -11.19
C TYR D 67 -2.82 -2.86 -11.70
N ASP D 68 -1.63 -3.11 -11.14
CA ASP D 68 -0.79 -4.21 -11.60
C ASP D 68 -1.11 -5.49 -10.83
N ASP D 69 -1.20 -6.60 -11.56
CA ASP D 69 -1.45 -7.89 -10.95
C ASP D 69 -0.21 -8.78 -10.92
N LEU D 70 0.76 -8.53 -11.80
CA LEU D 70 1.99 -9.33 -11.81
C LEU D 70 2.87 -9.04 -10.60
N VAL D 71 2.62 -7.95 -9.88
CA VAL D 71 3.41 -7.56 -8.72
C VAL D 71 2.46 -7.17 -7.60
N THR D 72 2.71 -7.68 -6.41
CA THR D 72 2.03 -7.22 -5.21
C THR D 72 3.02 -6.42 -4.37
N THR D 73 2.60 -5.22 -3.95
CA THR D 73 3.50 -4.28 -3.32
C THR D 73 2.85 -3.67 -2.09
N ILE D 74 3.60 -3.60 -1.00
CA ILE D 74 3.16 -2.93 0.22
C ILE D 74 4.23 -1.94 0.64
N THR D 75 3.82 -0.72 0.98
CA THR D 75 4.70 0.30 1.53
C THR D 75 4.31 0.57 2.96
N ILE D 76 5.29 0.51 3.86
CA ILE D 76 5.09 0.77 5.28
C ILE D 76 5.72 2.12 5.59
N LYS D 77 4.93 3.01 6.20
CA LYS D 77 5.37 4.34 6.57
C LYS D 77 5.60 4.42 8.07
N SER D 78 6.52 5.29 8.48
CA SER D 78 6.88 5.47 9.88
C SER D 78 7.29 4.13 10.51
N LEU D 79 8.40 3.60 10.00
CA LEU D 79 8.86 2.28 10.42
C LEU D 79 9.19 2.29 11.91
N THR D 80 8.93 1.16 12.57
CA THR D 80 9.19 0.98 13.99
C THR D 80 9.88 -0.36 14.19
N ALA D 81 10.74 -0.42 15.22
CA ALA D 81 11.43 -1.67 15.52
C ALA D 81 10.45 -2.82 15.72
N ARG D 82 9.25 -2.53 16.25
CA ARG D 82 8.22 -3.55 16.32
C ARG D 82 7.80 -3.99 14.93
N ASP D 83 7.71 -3.05 13.99
CA ASP D 83 7.33 -3.38 12.62
C ASP D 83 8.41 -4.20 11.92
N ALA D 84 9.64 -4.18 12.42
CA ALA D 84 10.70 -4.97 11.81
C ALA D 84 10.44 -6.46 12.03
N GLY D 85 10.57 -7.24 10.97
CA GLY D 85 10.33 -8.67 11.06
C GLY D 85 10.40 -9.31 9.70
N THR D 86 10.00 -10.58 9.66
CA THR D 86 9.97 -11.35 8.42
C THR D 86 8.55 -11.35 7.88
N TYR D 87 8.38 -10.87 6.65
CA TYR D 87 7.08 -10.68 6.05
C TYR D 87 6.84 -11.76 4.99
N VAL D 88 5.68 -12.41 5.09
CA VAL D 88 5.29 -13.46 4.15
C VAL D 88 4.28 -12.86 3.18
N CYS D 89 4.45 -13.16 1.91
CA CYS D 89 3.67 -12.57 0.83
C CYS D 89 3.13 -13.70 -0.04
N ALA D 90 1.80 -13.78 -0.15
CA ALA D 90 1.13 -14.97 -0.64
C ALA D 90 0.28 -14.65 -1.87
N PHE D 91 0.37 -15.53 -2.86
CA PHE D 91 -0.40 -15.50 -4.09
C PHE D 91 -1.35 -16.70 -4.10
N PHE D 92 -2.64 -16.43 -4.29
CA PHE D 92 -3.65 -17.46 -4.53
C PHE D 92 -4.21 -17.26 -5.93
N MET D 93 -3.90 -18.18 -6.84
CA MET D 93 -4.51 -18.26 -8.16
C MET D 93 -5.43 -19.47 -8.27
N THR D 94 -6.41 -19.35 -9.16
CA THR D 94 -7.16 -20.49 -9.67
C THR D 94 -7.12 -20.46 -11.20
N SER D 95 -7.21 -21.62 -11.81
CA SER D 95 -7.12 -21.75 -13.26
C SER D 95 -8.50 -21.58 -13.87
N THR D 96 -8.67 -20.51 -14.64
CA THR D 96 -9.95 -20.22 -15.28
C THR D 96 -10.05 -20.79 -16.69
N THR D 97 -9.00 -21.44 -17.19
CA THR D 97 -9.08 -22.09 -18.50
C THR D 97 -10.12 -23.20 -18.49
N ASN D 98 -9.91 -24.22 -17.66
CA ASN D 98 -10.86 -25.29 -17.49
C ASN D 98 -11.52 -25.18 -16.12
N ASP D 99 -12.35 -26.16 -15.78
CA ASP D 99 -13.08 -26.19 -14.52
C ASP D 99 -12.52 -27.31 -13.65
N THR D 100 -11.52 -26.99 -12.85
CA THR D 100 -10.90 -27.93 -11.92
C THR D 100 -10.95 -27.37 -10.50
N ASP D 101 -10.48 -28.16 -9.55
CA ASP D 101 -10.50 -27.80 -8.14
C ASP D 101 -9.12 -27.47 -7.59
N LYS D 102 -8.06 -27.57 -8.39
CA LYS D 102 -6.71 -27.33 -7.91
C LYS D 102 -6.40 -25.84 -7.91
N VAL D 103 -5.88 -25.34 -6.79
CA VAL D 103 -5.47 -23.95 -6.67
C VAL D 103 -3.96 -23.88 -6.76
N ASP D 104 -3.46 -22.67 -7.03
CA ASP D 104 -2.03 -22.41 -7.08
C ASP D 104 -1.69 -21.43 -5.96
N TYR D 105 -0.68 -21.80 -5.16
CA TYR D 105 -0.28 -20.99 -4.01
C TYR D 105 1.22 -20.70 -4.11
N GLU D 106 1.58 -19.44 -3.94
CA GLU D 106 2.97 -19.00 -4.05
C GLU D 106 3.31 -18.13 -2.86
N GLU D 107 4.16 -18.63 -1.96
CA GLU D 107 4.53 -17.91 -0.75
C GLU D 107 5.99 -17.49 -0.82
N TYR D 108 6.25 -16.22 -0.55
CA TYR D 108 7.61 -15.67 -0.58
C TYR D 108 7.88 -14.90 0.70
N SER D 109 9.01 -15.16 1.33
CA SER D 109 9.40 -14.46 2.54
C SER D 109 10.36 -13.33 2.21
N THR D 110 10.39 -12.33 3.08
CA THR D 110 11.28 -11.20 2.91
C THR D 110 11.63 -10.63 4.27
N GLU D 111 12.92 -10.49 4.55
CA GLU D 111 13.38 -9.97 5.83
C GLU D 111 13.49 -8.46 5.75
N LEU D 112 12.70 -7.76 6.57
CA LEU D 112 12.73 -6.31 6.68
C LEU D 112 13.40 -5.96 7.99
N ILE D 113 14.62 -5.43 7.91
CA ILE D 113 15.40 -5.09 9.09
C ILE D 113 15.44 -3.58 9.23
N VAL D 114 14.94 -3.08 10.36
CA VAL D 114 14.90 -1.65 10.64
C VAL D 114 15.70 -1.39 11.91
N ASN D 115 16.63 -0.45 11.85
CA ASN D 115 17.42 -0.08 13.02
C ASN D 115 17.99 1.31 12.82
N THR D 116 18.38 1.93 13.92
CA THR D 116 18.95 3.27 13.89
C THR D 116 20.34 3.27 13.27
#